data_6NVT
#
_entry.id   6NVT
#
_cell.length_a   99.060
_cell.length_b   99.010
_cell.length_c   99.700
_cell.angle_alpha   90.000
_cell.angle_beta   90.040
_cell.angle_gamma   90.000
#
_symmetry.space_group_name_H-M   'P 1 21 1'
#
loop_
_entity.id
_entity.type
_entity.pdbx_description
1 polymer Beta-lactamase
2 non-polymer 'SULFATE ION'
3 non-polymer 'CHLORIDE ION'
4 non-polymer 'ACETATE ION'
5 water water
#
_entity_poly.entity_id   1
_entity_poly.type   'polypeptide(L)'
_entity_poly.pdbx_seq_one_letter_code
;KGTDSLKSSIEKYLKDKKAKVGVAVLGIEDNFKLNVNEKHHYPMQSTYKFHLALAVLDKLDKENISIDKKLFVKKSELLP
NTWSPLRDKYPDGNVDLSISEILKATVSRSDNNGCDILFRFVGGTNKVHNFISKLGVKNISIKATEEEMHKAWNVQYTNW
TTPDATVQLLKKFYKNEILSKNSYDYLLNTMIETTTGPKRLKGLLPDGTVVAHKTGSSDTNDKGITAATNDIGIITLPNG
KHFAIAVYVSDSSEKSDVNEKIIAEICKSVWDYLVK
;
_entity_poly.pdbx_strand_id   A,B,C,D
#
loop_
_chem_comp.id
_chem_comp.type
_chem_comp.name
_chem_comp.formula
ACT non-polymer 'ACETATE ION' 'C2 H3 O2 -1'
CL non-polymer 'CHLORIDE ION' 'Cl -1'
SO4 non-polymer 'SULFATE ION' 'O4 S -2'
#
# COMPACT_ATOMS: atom_id res chain seq x y z
N LYS A 1 -23.01 -2.52 16.13
CA LYS A 1 -24.29 -3.05 15.72
C LYS A 1 -24.12 -4.36 14.96
N GLY A 2 -25.22 -5.11 14.84
CA GLY A 2 -25.20 -6.40 14.19
C GLY A 2 -24.38 -7.40 14.98
N THR A 3 -23.36 -7.97 14.37
CA THR A 3 -22.53 -8.93 15.05
C THR A 3 -21.82 -8.30 16.22
N ASP A 4 -21.39 -7.06 16.05
CA ASP A 4 -20.67 -6.32 17.08
C ASP A 4 -21.50 -6.11 18.31
N SER A 5 -22.78 -5.87 18.14
CA SER A 5 -23.67 -5.71 19.27
C SER A 5 -23.77 -7.01 20.04
N LEU A 6 -23.76 -8.12 19.34
CA LEU A 6 -23.86 -9.40 19.98
C LEU A 6 -22.64 -9.67 20.80
N LYS A 7 -21.48 -9.39 20.23
CA LYS A 7 -20.23 -9.60 20.90
C LYS A 7 -20.13 -8.77 22.14
N SER A 8 -20.56 -7.53 22.06
CA SER A 8 -20.53 -6.66 23.19
C SER A 8 -21.45 -7.14 24.26
N SER A 9 -22.58 -7.65 23.87
CA SER A 9 -23.53 -8.14 24.82
C SER A 9 -22.97 -9.35 25.58
N ILE A 10 -22.31 -10.22 24.86
CA ILE A 10 -21.68 -11.36 25.45
C ILE A 10 -20.54 -10.92 26.37
N GLU A 11 -19.81 -9.92 25.95
CA GLU A 11 -18.71 -9.42 26.75
C GLU A 11 -19.16 -8.85 28.05
N LYS A 12 -20.27 -8.16 28.01
CA LYS A 12 -20.88 -7.59 29.17
C LYS A 12 -21.35 -8.66 30.11
N TYR A 13 -21.88 -9.72 29.57
CA TYR A 13 -22.34 -10.84 30.37
C TYR A 13 -21.20 -11.50 31.11
N LEU A 14 -20.05 -11.53 30.51
CA LEU A 14 -18.90 -12.20 31.09
C LEU A 14 -18.08 -11.38 32.07
N LYS A 15 -18.38 -10.11 32.16
CA LYS A 15 -17.53 -9.24 32.94
C LYS A 15 -17.49 -9.57 34.42
N ASP A 16 -18.59 -9.97 35.01
CA ASP A 16 -18.58 -10.38 36.40
C ASP A 16 -18.40 -11.88 36.61
N LYS A 17 -18.10 -12.62 35.57
CA LYS A 17 -17.96 -14.05 35.72
C LYS A 17 -16.54 -14.40 36.01
N LYS A 18 -16.31 -15.12 37.09
CA LYS A 18 -14.96 -15.46 37.47
C LYS A 18 -14.42 -16.68 36.77
N ALA A 19 -14.22 -16.53 35.47
CA ALA A 19 -13.70 -17.54 34.62
C ALA A 19 -13.16 -16.94 33.34
N LYS A 20 -12.38 -17.70 32.62
CA LYS A 20 -11.83 -17.33 31.37
C LYS A 20 -12.72 -18.01 30.36
N VAL A 21 -13.59 -17.32 29.67
CA VAL A 21 -14.48 -17.96 28.74
C VAL A 21 -14.17 -17.66 27.30
N GLY A 22 -14.05 -18.70 26.51
CA GLY A 22 -13.79 -18.60 25.09
C GLY A 22 -14.96 -19.01 24.24
N VAL A 23 -15.29 -18.21 23.24
CA VAL A 23 -16.40 -18.45 22.36
C VAL A 23 -16.13 -18.31 20.88
N ALA A 24 -16.64 -19.23 20.08
CA ALA A 24 -16.53 -19.13 18.64
C ALA A 24 -17.80 -19.63 17.99
N VAL A 25 -18.27 -18.91 16.99
CA VAL A 25 -19.44 -19.25 16.23
C VAL A 25 -19.18 -19.12 14.76
N LEU A 26 -19.62 -20.12 14.01
CA LEU A 26 -19.51 -20.12 12.59
C LEU A 26 -20.80 -20.59 11.96
N GLY A 27 -21.37 -19.79 11.10
CA GLY A 27 -22.53 -20.22 10.38
C GLY A 27 -22.12 -21.31 9.40
N ILE A 28 -22.94 -22.33 9.27
CA ILE A 28 -22.66 -23.37 8.31
C ILE A 28 -22.90 -23.05 6.86
N GLU A 29 -24.05 -22.49 6.57
CA GLU A 29 -24.38 -22.18 5.22
C GLU A 29 -24.35 -20.72 4.85
N ASP A 30 -23.76 -19.94 5.74
CA ASP A 30 -23.62 -18.52 5.55
C ASP A 30 -22.31 -17.94 6.03
N ASN A 31 -22.19 -16.63 5.94
CA ASN A 31 -20.96 -15.97 6.31
C ASN A 31 -20.78 -15.59 7.78
N PHE A 32 -21.74 -15.87 8.64
CA PHE A 32 -21.63 -15.50 10.02
C PHE A 32 -20.43 -16.00 10.80
N LYS A 33 -19.80 -15.09 11.50
CA LYS A 33 -18.64 -15.39 12.28
C LYS A 33 -18.58 -14.59 13.56
N LEU A 34 -18.33 -15.23 14.68
CA LEU A 34 -18.16 -14.55 15.95
C LEU A 34 -17.06 -15.16 16.81
N ASN A 35 -16.29 -14.31 17.45
CA ASN A 35 -15.24 -14.74 18.32
C ASN A 35 -15.14 -13.89 19.55
N VAL A 36 -15.01 -14.50 20.72
CA VAL A 36 -14.81 -13.81 21.96
C VAL A 36 -13.66 -14.49 22.69
N ASN A 37 -12.64 -13.72 23.05
CA ASN A 37 -11.46 -14.23 23.75
C ASN A 37 -10.83 -15.41 23.01
N GLU A 38 -10.72 -15.24 21.71
CA GLU A 38 -10.13 -16.23 20.78
C GLU A 38 -8.64 -16.74 20.87
N LYS A 39 -7.85 -15.80 21.32
CA LYS A 39 -6.43 -16.04 21.38
C LYS A 39 -5.97 -17.07 22.37
N HIS A 40 -6.65 -17.13 23.48
CA HIS A 40 -6.33 -18.02 24.56
C HIS A 40 -6.40 -19.50 24.20
N HIS A 41 -5.62 -20.30 24.91
CA HIS A 41 -5.59 -21.73 24.75
C HIS A 41 -6.48 -22.31 25.82
N TYR A 42 -7.49 -23.06 25.45
CA TYR A 42 -8.40 -23.63 26.40
C TYR A 42 -8.28 -25.12 26.50
N PRO A 43 -8.29 -25.66 27.69
CA PRO A 43 -8.22 -27.11 27.85
C PRO A 43 -9.49 -27.75 27.37
N MET A 44 -9.33 -28.72 26.51
CA MET A 44 -10.40 -29.47 25.91
C MET A 44 -11.25 -30.44 26.72
N GLN A 45 -10.60 -31.23 27.55
CA GLN A 45 -11.16 -32.36 28.30
C GLN A 45 -11.78 -33.34 27.30
N SER A 46 -13.00 -33.79 27.53
CA SER A 46 -13.67 -34.77 26.69
C SER A 46 -14.08 -34.30 25.31
N THR A 47 -13.97 -33.02 25.05
CA THR A 47 -14.31 -32.48 23.76
C THR A 47 -13.45 -33.06 22.69
N TYR A 48 -12.25 -33.46 23.06
CA TYR A 48 -11.28 -34.02 22.15
C TYR A 48 -11.64 -35.40 21.62
N LYS A 49 -12.65 -35.99 22.20
CA LYS A 49 -13.15 -37.26 21.75
C LYS A 49 -13.74 -37.14 20.34
N PHE A 50 -14.20 -35.96 19.97
CA PHE A 50 -14.69 -35.70 18.65
C PHE A 50 -13.57 -35.80 17.64
N HIS A 51 -12.44 -35.21 17.94
CA HIS A 51 -11.32 -35.26 17.06
C HIS A 51 -10.81 -36.66 16.90
N LEU A 52 -10.78 -37.39 17.99
CA LEU A 52 -10.34 -38.75 17.98
C LEU A 52 -11.24 -39.56 17.08
N ALA A 53 -12.53 -39.33 17.16
CA ALA A 53 -13.49 -40.04 16.34
C ALA A 53 -13.26 -39.82 14.88
N LEU A 54 -12.96 -38.60 14.50
CA LEU A 54 -12.69 -38.23 13.12
C LEU A 54 -11.50 -39.04 12.65
N ALA A 55 -10.48 -39.13 13.48
CA ALA A 55 -9.34 -39.89 13.12
C ALA A 55 -9.61 -41.38 12.95
N VAL A 56 -10.39 -41.98 13.84
N VAL A 56 -10.39 -41.98 13.84
CA VAL A 56 -10.67 -43.38 13.68
CA VAL A 56 -10.67 -43.38 13.68
C VAL A 56 -11.52 -43.69 12.45
C VAL A 56 -11.52 -43.69 12.45
N LEU A 57 -12.52 -42.88 12.20
CA LEU A 57 -13.36 -43.06 11.07
C LEU A 57 -12.57 -42.87 9.79
N ASP A 58 -11.67 -41.90 9.78
CA ASP A 58 -10.85 -41.63 8.64
C ASP A 58 -9.95 -42.81 8.36
N LYS A 59 -9.41 -43.41 9.41
CA LYS A 59 -8.60 -44.56 9.26
C LYS A 59 -9.39 -45.73 8.69
N LEU A 60 -10.62 -45.90 9.13
CA LEU A 60 -11.47 -46.95 8.63
C LEU A 60 -11.77 -46.74 7.16
N ASP A 61 -12.04 -45.50 6.77
CA ASP A 61 -12.35 -45.18 5.39
C ASP A 61 -11.17 -45.48 4.48
N LYS A 62 -10.00 -45.04 4.86
CA LYS A 62 -8.81 -45.26 4.08
C LYS A 62 -8.40 -46.70 3.92
N GLU A 63 -8.49 -47.47 4.98
CA GLU A 63 -8.10 -48.86 4.94
C GLU A 63 -9.25 -49.79 4.57
N ASN A 64 -10.41 -49.23 4.28
CA ASN A 64 -11.58 -49.97 3.93
C ASN A 64 -11.90 -51.04 4.94
N ILE A 65 -11.98 -50.65 6.19
CA ILE A 65 -12.31 -51.52 7.31
C ILE A 65 -13.68 -51.15 7.82
N SER A 66 -14.49 -52.13 8.02
CA SER A 66 -15.81 -51.90 8.45
C SER A 66 -15.88 -51.41 9.86
N ILE A 67 -16.93 -50.68 10.13
CA ILE A 67 -17.19 -50.19 11.45
C ILE A 67 -17.65 -51.31 12.39
N ASP A 68 -17.98 -52.45 11.84
CA ASP A 68 -18.38 -53.58 12.60
C ASP A 68 -17.22 -54.48 13.00
N LYS A 69 -16.02 -54.14 12.57
CA LYS A 69 -14.87 -54.90 12.90
C LYS A 69 -14.66 -54.91 14.39
N LYS A 70 -14.39 -56.07 14.93
CA LYS A 70 -14.17 -56.24 16.34
C LYS A 70 -12.73 -56.22 16.79
N LEU A 71 -12.51 -55.61 17.92
CA LEU A 71 -11.20 -55.51 18.52
C LEU A 71 -11.19 -56.15 19.89
N PHE A 72 -10.19 -56.96 20.16
CA PHE A 72 -10.08 -57.60 21.44
C PHE A 72 -9.55 -56.57 22.40
N VAL A 73 -10.25 -56.40 23.49
CA VAL A 73 -9.84 -55.46 24.49
C VAL A 73 -9.45 -56.20 25.75
N LYS A 74 -8.23 -56.04 26.17
CA LYS A 74 -7.77 -56.68 27.36
C LYS A 74 -8.36 -56.08 28.60
N LYS A 75 -8.40 -56.88 29.65
CA LYS A 75 -8.91 -56.48 30.94
C LYS A 75 -8.12 -55.36 31.49
N SER A 76 -6.82 -55.37 31.25
CA SER A 76 -5.94 -54.33 31.73
C SER A 76 -6.30 -52.98 31.14
N GLU A 77 -6.88 -52.99 29.96
CA GLU A 77 -7.33 -51.82 29.28
C GLU A 77 -8.53 -51.12 29.89
N LEU A 78 -9.41 -51.87 30.53
CA LEU A 78 -10.57 -51.29 31.15
C LEU A 78 -10.25 -50.83 32.56
N LEU A 79 -9.60 -49.69 32.65
CA LEU A 79 -9.18 -49.16 33.91
C LEU A 79 -10.32 -48.81 34.82
N PRO A 80 -10.13 -49.08 36.08
CA PRO A 80 -11.04 -48.74 37.15
C PRO A 80 -10.85 -47.29 37.57
N ASN A 81 -11.75 -46.81 38.40
CA ASN A 81 -11.72 -45.47 38.93
C ASN A 81 -11.75 -44.38 37.87
N THR A 82 -12.46 -44.63 36.80
CA THR A 82 -12.60 -43.68 35.71
C THR A 82 -13.96 -43.85 35.05
N TRP A 83 -14.49 -42.81 34.46
CA TRP A 83 -15.79 -42.95 33.88
C TRP A 83 -15.69 -43.87 32.68
N SER A 84 -16.34 -45.00 32.77
CA SER A 84 -16.36 -45.94 31.69
C SER A 84 -17.55 -46.85 31.71
N PRO A 85 -18.52 -46.60 30.87
CA PRO A 85 -19.66 -47.49 30.75
C PRO A 85 -19.23 -48.85 30.23
N LEU A 86 -18.17 -48.87 29.44
CA LEU A 86 -17.64 -50.08 28.90
C LEU A 86 -17.14 -50.98 30.01
N ARG A 87 -16.45 -50.43 30.97
CA ARG A 87 -15.96 -51.20 32.09
C ARG A 87 -17.10 -51.73 32.91
N ASP A 88 -18.10 -50.92 33.11
CA ASP A 88 -19.23 -51.30 33.87
C ASP A 88 -19.95 -52.44 33.20
N LYS A 89 -20.11 -52.36 31.91
CA LYS A 89 -20.71 -53.39 31.12
C LYS A 89 -19.90 -54.68 31.01
N TYR A 90 -18.59 -54.58 30.94
CA TYR A 90 -17.72 -55.71 30.78
C TYR A 90 -16.60 -55.66 31.79
N PRO A 91 -16.94 -55.94 33.03
CA PRO A 91 -16.01 -55.85 34.14
C PRO A 91 -14.79 -56.73 34.02
N ASP A 92 -14.90 -57.88 33.41
CA ASP A 92 -13.77 -58.75 33.28
C ASP A 92 -12.95 -58.55 32.05
N GLY A 93 -13.39 -57.69 31.16
CA GLY A 93 -12.67 -57.42 29.95
C GLY A 93 -12.47 -58.65 29.11
N ASN A 94 -11.36 -58.71 28.41
CA ASN A 94 -11.05 -59.83 27.54
C ASN A 94 -12.21 -60.13 26.62
N VAL A 95 -12.67 -59.12 25.92
CA VAL A 95 -13.83 -59.23 25.09
C VAL A 95 -13.62 -58.58 23.76
N ASP A 96 -14.28 -59.08 22.74
CA ASP A 96 -14.18 -58.54 21.42
C ASP A 96 -15.32 -57.58 21.21
N LEU A 97 -15.01 -56.35 20.92
CA LEU A 97 -16.00 -55.33 20.73
C LEU A 97 -15.85 -54.62 19.42
N SER A 98 -16.95 -54.37 18.80
CA SER A 98 -16.94 -53.69 17.57
C SER A 98 -16.50 -52.28 17.80
N ILE A 99 -15.90 -51.73 16.79
CA ILE A 99 -15.46 -50.37 16.79
C ILE A 99 -16.66 -49.45 16.95
N SER A 100 -17.78 -49.86 16.40
CA SER A 100 -18.98 -49.10 16.51
C SER A 100 -19.41 -48.98 17.95
N GLU A 101 -19.44 -50.08 18.68
CA GLU A 101 -19.80 -50.02 20.07
C GLU A 101 -18.80 -49.18 20.85
N ILE A 102 -17.52 -49.32 20.55
CA ILE A 102 -16.53 -48.53 21.22
C ILE A 102 -16.71 -47.05 20.91
N LEU A 103 -16.97 -46.70 19.67
CA LEU A 103 -17.15 -45.32 19.31
C LEU A 103 -18.36 -44.68 19.97
N LYS A 104 -19.44 -45.42 20.03
CA LYS A 104 -20.66 -44.96 20.61
C LYS A 104 -20.44 -44.64 22.08
N ALA A 105 -19.78 -45.52 22.79
CA ALA A 105 -19.49 -45.27 24.17
C ALA A 105 -18.60 -44.04 24.34
N THR A 106 -17.57 -43.92 23.52
CA THR A 106 -16.66 -42.81 23.56
C THR A 106 -17.23 -41.44 23.20
N VAL A 107 -17.93 -41.34 22.10
CA VAL A 107 -18.53 -40.10 21.73
C VAL A 107 -19.81 -39.76 22.46
N SER A 108 -20.79 -40.64 22.41
CA SER A 108 -22.04 -40.40 23.10
C SER A 108 -21.99 -40.37 24.61
N ARG A 109 -21.24 -41.25 25.18
CA ARG A 109 -21.15 -41.30 26.65
CA ARG A 109 -21.14 -41.31 26.62
C ARG A 109 -19.81 -40.91 27.43
N SER A 110 -18.92 -40.41 26.59
CA SER A 110 -17.65 -39.97 27.09
C SER A 110 -16.79 -41.01 27.78
N ASP A 111 -16.81 -42.23 27.31
CA ASP A 111 -16.06 -43.28 27.96
C ASP A 111 -14.55 -43.04 27.87
N ASN A 112 -13.91 -42.92 29.00
CA ASN A 112 -12.46 -42.75 29.06
C ASN A 112 -11.67 -43.94 28.58
N ASN A 113 -12.07 -45.13 28.96
CA ASN A 113 -11.41 -46.32 28.53
C ASN A 113 -11.58 -46.49 27.04
N GLY A 114 -12.75 -46.17 26.57
CA GLY A 114 -13.05 -46.25 25.18
C GLY A 114 -12.16 -45.29 24.39
N CYS A 115 -11.96 -44.09 24.89
CA CYS A 115 -11.12 -43.14 24.24
C CYS A 115 -9.68 -43.65 24.13
N ASP A 116 -9.16 -44.20 25.19
CA ASP A 116 -7.83 -44.75 25.16
C ASP A 116 -7.67 -45.97 24.24
N ILE A 117 -8.68 -46.81 24.15
CA ILE A 117 -8.63 -47.95 23.26
C ILE A 117 -8.53 -47.46 21.82
N LEU A 118 -9.32 -46.46 21.48
CA LEU A 118 -9.33 -45.84 20.18
C LEU A 118 -8.01 -45.13 19.86
N PHE A 119 -7.40 -44.49 20.85
CA PHE A 119 -6.13 -43.82 20.66
C PHE A 119 -5.10 -44.87 20.26
N ARG A 120 -5.15 -46.04 20.86
CA ARG A 120 -4.26 -47.11 20.52
C ARG A 120 -4.47 -47.57 19.09
N PHE A 121 -5.72 -47.66 18.68
CA PHE A 121 -6.08 -48.10 17.37
C PHE A 121 -5.58 -47.21 16.26
N VAL A 122 -5.58 -45.90 16.48
CA VAL A 122 -5.09 -44.98 15.49
C VAL A 122 -3.60 -44.73 15.63
N GLY A 123 -2.97 -45.37 16.58
CA GLY A 123 -1.56 -45.17 16.77
C GLY A 123 -1.04 -44.16 17.76
N GLY A 124 -1.87 -43.61 18.60
CA GLY A 124 -1.42 -42.66 19.58
C GLY A 124 -1.86 -41.24 19.38
N THR A 125 -1.62 -40.44 20.39
CA THR A 125 -2.01 -39.06 20.43
C THR A 125 -1.39 -38.20 19.33
N ASN A 126 -0.13 -38.41 19.02
CA ASN A 126 0.49 -37.66 17.98
C ASN A 126 -0.15 -37.89 16.62
N LYS A 127 -0.59 -39.10 16.35
CA LYS A 127 -1.25 -39.42 15.10
C LYS A 127 -2.52 -38.62 14.93
N VAL A 128 -3.29 -38.49 15.98
CA VAL A 128 -4.49 -37.71 15.90
C VAL A 128 -4.17 -36.25 15.67
N HIS A 129 -3.14 -35.78 16.36
CA HIS A 129 -2.70 -34.40 16.26
C HIS A 129 -2.27 -34.10 14.86
N ASN A 130 -1.55 -35.01 14.25
CA ASN A 130 -1.13 -34.84 12.91
C ASN A 130 -2.29 -34.84 11.95
N PHE A 131 -3.24 -35.72 12.18
CA PHE A 131 -4.38 -35.82 11.31
C PHE A 131 -5.16 -34.53 11.30
N ILE A 132 -5.37 -33.94 12.46
CA ILE A 132 -6.11 -32.71 12.56
C ILE A 132 -5.38 -31.55 11.88
N SER A 133 -4.09 -31.44 12.11
CA SER A 133 -3.28 -30.40 11.53
C SER A 133 -3.26 -30.51 10.03
N LYS A 134 -3.18 -31.73 9.53
CA LYS A 134 -3.14 -31.94 8.13
C LYS A 134 -4.43 -31.63 7.41
N LEU A 135 -5.47 -31.39 8.17
CA LEU A 135 -6.74 -30.99 7.63
C LEU A 135 -6.82 -29.49 7.41
N GLY A 136 -5.76 -28.79 7.73
CA GLY A 136 -5.79 -27.38 7.59
C GLY A 136 -6.32 -26.64 8.79
N VAL A 137 -6.36 -27.25 9.94
CA VAL A 137 -6.83 -26.52 11.11
C VAL A 137 -5.72 -26.40 12.08
N LYS A 138 -5.27 -25.21 12.33
CA LYS A 138 -4.21 -25.05 13.27
C LYS A 138 -4.75 -24.75 14.66
N ASN A 139 -3.83 -24.58 15.57
CA ASN A 139 -4.13 -24.32 16.95
C ASN A 139 -4.90 -25.32 17.78
N ILE A 140 -4.62 -26.58 17.58
CA ILE A 140 -5.21 -27.61 18.37
C ILE A 140 -4.07 -28.48 18.80
N SER A 141 -3.94 -28.72 20.09
CA SER A 141 -2.89 -29.55 20.58
C SER A 141 -3.43 -30.79 21.26
N ILE A 142 -3.00 -31.95 20.81
CA ILE A 142 -3.41 -33.22 21.37
C ILE A 142 -2.23 -34.03 21.80
N LYS A 143 -1.95 -34.02 23.10
CA LYS A 143 -0.82 -34.73 23.67
C LYS A 143 -1.06 -35.80 24.72
N ALA A 144 -2.24 -35.85 25.29
CA ALA A 144 -2.48 -36.78 26.33
C ALA A 144 -3.70 -37.65 26.26
N THR A 145 -3.52 -38.89 26.67
CA THR A 145 -4.61 -39.83 26.77
C THR A 145 -5.40 -39.59 28.05
N GLU A 146 -6.54 -40.24 28.17
CA GLU A 146 -7.36 -40.12 29.36
C GLU A 146 -6.62 -40.67 30.58
N GLU A 147 -5.90 -41.74 30.40
CA GLU A 147 -5.16 -42.31 31.48
C GLU A 147 -4.12 -41.33 31.97
N GLU A 148 -3.44 -40.68 31.06
CA GLU A 148 -2.44 -39.69 31.39
C GLU A 148 -3.02 -38.47 32.09
N MET A 149 -4.19 -38.05 31.66
CA MET A 149 -4.92 -36.91 32.20
C MET A 149 -5.41 -37.13 33.63
N HIS A 150 -5.50 -38.38 34.02
CA HIS A 150 -5.98 -38.76 35.31
C HIS A 150 -4.92 -38.79 36.39
N LYS A 151 -3.74 -38.30 36.06
CA LYS A 151 -2.67 -38.25 36.99
C LYS A 151 -2.48 -36.83 37.48
N ALA A 152 -1.42 -36.15 37.07
CA ALA A 152 -1.20 -34.82 37.51
C ALA A 152 -2.26 -33.84 37.03
N TRP A 153 -2.50 -32.85 37.85
CA TRP A 153 -3.51 -31.87 37.62
C TRP A 153 -3.30 -31.09 36.36
N ASN A 154 -1.92 -30.83 36.08
N ASN A 154 -2.06 -30.79 36.02
CA ASN A 154 -1.45 -30.12 34.93
CA ASN A 154 -1.85 -30.00 34.86
C ASN A 154 -1.62 -30.72 33.55
C ASN A 154 -1.67 -30.67 33.50
N VAL A 155 -1.79 -32.01 33.49
CA VAL A 155 -1.78 -32.74 32.26
C VAL A 155 -2.86 -32.34 31.31
N GLN A 156 -4.03 -32.03 31.84
CA GLN A 156 -5.19 -31.64 31.07
C GLN A 156 -4.95 -30.38 30.25
N TYR A 157 -4.09 -29.51 30.71
CA TYR A 157 -3.77 -28.28 30.01
C TYR A 157 -3.02 -28.52 28.71
N THR A 158 -2.34 -29.64 28.60
CA THR A 158 -1.63 -30.04 27.40
C THR A 158 -2.54 -30.40 26.22
N ASN A 159 -3.79 -30.70 26.48
CA ASN A 159 -4.71 -30.93 25.40
C ASN A 159 -5.44 -29.63 25.29
N TRP A 160 -5.08 -28.80 24.34
CA TRP A 160 -5.67 -27.48 24.22
C TRP A 160 -6.11 -27.03 22.86
N THR A 161 -6.93 -26.02 22.84
CA THR A 161 -7.43 -25.47 21.63
C THR A 161 -7.90 -24.03 21.71
N THR A 162 -7.88 -23.38 20.57
CA THR A 162 -8.51 -22.10 20.43
C THR A 162 -9.98 -22.36 20.05
N PRO A 163 -10.87 -21.45 20.37
CA PRO A 163 -12.27 -21.63 20.05
C PRO A 163 -12.55 -21.67 18.57
N ASP A 164 -11.91 -20.80 17.81
CA ASP A 164 -12.09 -20.73 16.39
C ASP A 164 -11.66 -21.98 15.67
N ALA A 165 -10.64 -22.64 16.17
CA ALA A 165 -10.19 -23.86 15.56
C ALA A 165 -11.26 -24.92 15.61
N THR A 166 -11.92 -25.02 16.74
CA THR A 166 -12.95 -25.98 16.95
C THR A 166 -14.09 -25.75 16.00
N VAL A 167 -14.49 -24.51 15.88
CA VAL A 167 -15.55 -24.13 15.04
C VAL A 167 -15.22 -24.40 13.58
N GLN A 168 -13.99 -24.18 13.18
CA GLN A 168 -13.56 -24.46 11.84
C GLN A 168 -13.62 -25.95 11.61
N LEU A 169 -13.16 -26.72 12.58
CA LEU A 169 -13.19 -28.14 12.45
C LEU A 169 -14.60 -28.68 12.35
N LEU A 170 -15.51 -28.18 13.15
CA LEU A 170 -16.88 -28.63 13.16
C LEU A 170 -17.57 -28.41 11.85
N LYS A 171 -17.36 -27.25 11.26
CA LYS A 171 -17.94 -26.89 10.00
C LYS A 171 -17.48 -27.79 8.88
N LYS A 172 -16.20 -28.11 8.86
CA LYS A 172 -15.67 -28.99 7.85
C LYS A 172 -16.34 -30.33 7.97
N PHE A 173 -16.48 -30.81 9.19
CA PHE A 173 -17.12 -32.06 9.45
C PHE A 173 -18.57 -32.03 9.05
N TYR A 174 -19.27 -30.99 9.44
CA TYR A 174 -20.68 -30.87 9.18
C TYR A 174 -21.02 -30.84 7.71
N LYS A 175 -20.13 -30.30 6.90
CA LYS A 175 -20.30 -30.21 5.47
C LYS A 175 -19.82 -31.44 4.75
N ASN A 176 -19.50 -32.47 5.49
CA ASN A 176 -19.00 -33.72 4.97
C ASN A 176 -17.77 -33.55 4.11
N GLU A 177 -16.80 -32.82 4.59
CA GLU A 177 -15.56 -32.63 3.88
C GLU A 177 -14.42 -33.50 4.38
N ILE A 178 -14.61 -34.23 5.46
CA ILE A 178 -13.58 -35.07 5.97
C ILE A 178 -13.69 -36.56 5.76
N LEU A 179 -14.86 -37.09 5.93
CA LEU A 179 -15.03 -38.50 5.84
C LEU A 179 -15.98 -38.91 4.80
N SER A 180 -16.15 -40.21 4.70
CA SER A 180 -17.10 -40.80 3.82
C SER A 180 -18.51 -40.53 4.31
N LYS A 181 -19.46 -40.74 3.44
CA LYS A 181 -20.82 -40.50 3.77
C LYS A 181 -21.27 -41.40 4.90
N ASN A 182 -20.92 -42.68 4.86
CA ASN A 182 -21.32 -43.58 5.91
C ASN A 182 -20.76 -43.19 7.28
N SER A 183 -19.49 -42.89 7.32
CA SER A 183 -18.84 -42.50 8.53
C SER A 183 -19.39 -41.19 9.05
N TYR A 184 -19.62 -40.24 8.17
CA TYR A 184 -20.14 -38.95 8.55
C TYR A 184 -21.50 -39.11 9.20
N ASP A 185 -22.36 -39.89 8.56
CA ASP A 185 -23.68 -40.12 9.06
C ASP A 185 -23.61 -40.74 10.43
N TYR A 186 -22.71 -41.69 10.62
CA TYR A 186 -22.60 -42.32 11.90
C TYR A 186 -22.17 -41.41 13.04
N LEU A 187 -21.13 -40.67 12.81
CA LEU A 187 -20.62 -39.80 13.83
C LEU A 187 -21.63 -38.74 14.20
N LEU A 188 -22.29 -38.19 13.21
CA LEU A 188 -23.26 -37.18 13.45
C LEU A 188 -24.39 -37.72 14.29
N ASN A 189 -24.84 -38.92 13.99
CA ASN A 189 -25.89 -39.53 14.75
C ASN A 189 -25.50 -39.74 16.19
N THR A 190 -24.27 -40.17 16.43
CA THR A 190 -23.84 -40.36 17.78
C THR A 190 -23.85 -39.05 18.54
N MET A 191 -23.48 -37.98 17.88
CA MET A 191 -23.47 -36.67 18.48
C MET A 191 -24.87 -36.16 18.81
N ILE A 192 -25.87 -36.55 18.05
CA ILE A 192 -27.25 -36.17 18.32
C ILE A 192 -27.87 -37.03 19.41
N GLU A 193 -27.58 -38.31 19.38
CA GLU A 193 -28.09 -39.27 20.32
C GLU A 193 -27.70 -39.08 21.79
N THR A 194 -26.60 -38.42 22.06
CA THR A 194 -26.15 -38.20 23.40
C THR A 194 -27.14 -37.51 24.33
N THR A 195 -27.07 -37.85 25.58
CA THR A 195 -27.90 -37.20 26.56
C THR A 195 -27.09 -36.34 27.53
N THR A 196 -25.81 -36.18 27.26
CA THR A 196 -24.91 -35.37 28.04
C THR A 196 -25.16 -33.90 27.87
N GLY A 197 -24.77 -33.13 28.86
CA GLY A 197 -24.87 -31.70 28.79
C GLY A 197 -26.17 -31.04 28.45
N PRO A 198 -27.29 -31.47 29.01
CA PRO A 198 -28.59 -30.89 28.72
C PRO A 198 -28.71 -29.44 29.16
N LYS A 199 -27.92 -29.01 30.12
CA LYS A 199 -27.96 -27.66 30.57
C LYS A 199 -26.91 -26.79 29.93
N ARG A 200 -26.22 -27.28 28.93
CA ARG A 200 -25.18 -26.50 28.30
C ARG A 200 -25.62 -25.78 27.05
N LEU A 201 -25.22 -26.21 25.88
CA LEU A 201 -25.62 -25.53 24.67
C LEU A 201 -27.13 -25.58 24.53
N LYS A 202 -27.71 -26.71 24.86
CA LYS A 202 -29.11 -27.01 24.80
C LYS A 202 -30.00 -26.41 25.86
N GLY A 203 -29.44 -25.87 26.91
CA GLY A 203 -30.23 -25.50 28.05
C GLY A 203 -31.35 -24.53 27.91
N LEU A 204 -31.14 -23.48 27.17
CA LEU A 204 -32.15 -22.51 26.95
C LEU A 204 -32.77 -22.55 25.56
N LEU A 205 -32.37 -23.47 24.72
CA LEU A 205 -32.93 -23.56 23.41
C LEU A 205 -34.31 -24.18 23.47
N PRO A 206 -35.09 -23.95 22.44
CA PRO A 206 -36.45 -24.47 22.39
C PRO A 206 -36.50 -25.97 22.34
N ASP A 207 -37.57 -26.54 22.87
CA ASP A 207 -37.70 -27.96 22.87
C ASP A 207 -37.73 -28.38 21.42
N GLY A 208 -37.06 -29.47 21.11
CA GLY A 208 -37.04 -29.96 19.77
C GLY A 208 -35.96 -29.43 18.87
N THR A 209 -35.07 -28.61 19.39
CA THR A 209 -33.99 -28.08 18.62
C THR A 209 -32.98 -29.20 18.50
N VAL A 210 -32.56 -29.52 17.29
CA VAL A 210 -31.60 -30.56 17.10
C VAL A 210 -30.20 -30.02 17.34
N VAL A 211 -29.49 -30.61 18.28
CA VAL A 211 -28.13 -30.25 18.57
C VAL A 211 -27.20 -31.45 18.55
N ALA A 212 -26.22 -31.43 17.68
CA ALA A 212 -25.24 -32.47 17.67
C ALA A 212 -24.08 -31.85 18.42
N HIS A 213 -23.62 -32.49 19.47
CA HIS A 213 -22.59 -31.90 20.29
C HIS A 213 -21.75 -32.87 21.07
N LYS A 214 -20.68 -32.35 21.64
CA LYS A 214 -19.79 -33.08 22.49
C LYS A 214 -19.37 -32.23 23.66
N THR A 215 -19.60 -32.74 24.85
CA THR A 215 -19.25 -32.10 26.09
C THR A 215 -17.84 -32.38 26.56
N GLY A 216 -17.37 -31.54 27.43
CA GLY A 216 -16.08 -31.69 28.08
C GLY A 216 -16.17 -31.19 29.50
N SER A 217 -15.65 -31.95 30.45
CA SER A 217 -15.69 -31.56 31.87
C SER A 217 -14.44 -31.86 32.66
N SER A 218 -14.26 -31.20 33.76
CA SER A 218 -13.11 -31.41 34.60
C SER A 218 -13.42 -31.43 36.07
N ASP A 219 -12.40 -31.77 36.83
CA ASP A 219 -12.46 -31.76 38.26
C ASP A 219 -12.28 -30.34 38.81
N THR A 220 -12.47 -30.20 40.10
CA THR A 220 -12.19 -28.99 40.84
C THR A 220 -11.23 -29.30 41.98
N ASN A 221 -10.16 -28.23 41.62
CA ASN A 221 -9.04 -28.29 42.49
C ASN A 221 -9.33 -27.72 43.86
N ASP A 222 -8.39 -27.82 44.75
CA ASP A 222 -8.59 -27.38 46.12
C ASP A 222 -8.64 -25.89 46.35
N LYS A 223 -8.41 -25.15 45.31
CA LYS A 223 -8.55 -23.72 45.39
C LYS A 223 -9.85 -23.26 44.76
N GLY A 224 -10.76 -24.19 44.58
CA GLY A 224 -12.03 -23.95 43.97
C GLY A 224 -12.01 -23.71 42.48
N ILE A 225 -10.97 -24.13 41.79
CA ILE A 225 -10.88 -23.91 40.38
C ILE A 225 -11.27 -25.12 39.55
N THR A 226 -12.29 -24.94 38.73
CA THR A 226 -12.75 -25.95 37.83
C THR A 226 -12.05 -25.64 36.52
N ALA A 227 -11.15 -26.50 36.11
CA ALA A 227 -10.36 -26.26 34.94
C ALA A 227 -11.11 -26.10 33.62
N ALA A 228 -12.09 -26.93 33.36
CA ALA A 228 -12.88 -26.83 32.17
C ALA A 228 -14.32 -27.27 32.28
N THR A 229 -15.21 -26.48 31.68
CA THR A 229 -16.60 -26.80 31.56
C THR A 229 -16.94 -26.38 30.13
N ASN A 230 -16.99 -27.35 29.24
CA ASN A 230 -17.17 -27.10 27.82
C ASN A 230 -18.33 -27.80 27.08
N ASP A 231 -18.76 -27.22 25.98
CA ASP A 231 -19.74 -27.81 25.10
C ASP A 231 -19.48 -27.29 23.69
N ILE A 232 -19.32 -28.18 22.72
CA ILE A 232 -19.09 -27.82 21.34
C ILE A 232 -20.05 -28.53 20.41
N GLY A 233 -20.52 -27.86 19.38
CA GLY A 233 -21.45 -28.47 18.45
C GLY A 233 -22.07 -27.72 17.28
N ILE A 234 -23.02 -28.37 16.66
CA ILE A 234 -23.74 -27.86 15.52
C ILE A 234 -25.20 -27.73 15.92
N ILE A 235 -25.77 -26.57 15.72
CA ILE A 235 -27.13 -26.31 16.11
C ILE A 235 -28.04 -26.00 14.94
N THR A 236 -29.24 -26.50 15.00
CA THR A 236 -30.16 -26.31 13.92
C THR A 236 -31.15 -25.23 14.23
N LEU A 237 -31.15 -24.20 13.42
CA LEU A 237 -32.05 -23.09 13.54
C LEU A 237 -33.44 -23.46 13.08
N PRO A 238 -34.41 -22.66 13.45
CA PRO A 238 -35.82 -22.87 13.14
C PRO A 238 -36.07 -22.95 11.66
N ASN A 239 -35.30 -22.27 10.86
CA ASN A 239 -35.44 -22.28 9.44
C ASN A 239 -34.76 -23.46 8.76
N GLY A 240 -34.14 -24.32 9.53
CA GLY A 240 -33.46 -25.46 9.00
C GLY A 240 -31.99 -25.31 8.72
N LYS A 241 -31.48 -24.10 8.75
CA LYS A 241 -30.06 -23.85 8.57
C LYS A 241 -29.30 -24.15 9.89
N HIS A 242 -27.98 -24.18 9.83
CA HIS A 242 -27.16 -24.52 10.97
C HIS A 242 -26.01 -23.62 11.30
N PHE A 243 -25.57 -23.68 12.54
CA PHE A 243 -24.38 -22.99 12.96
C PHE A 243 -23.58 -23.80 13.95
N ALA A 244 -22.28 -23.71 13.86
CA ALA A 244 -21.36 -24.36 14.75
C ALA A 244 -20.96 -23.38 15.81
N ILE A 245 -20.90 -23.84 17.04
CA ILE A 245 -20.54 -23.04 18.18
C ILE A 245 -19.65 -23.81 19.13
N ALA A 246 -18.76 -23.13 19.80
CA ALA A 246 -17.94 -23.76 20.81
C ALA A 246 -17.80 -22.79 21.93
N VAL A 247 -18.01 -23.26 23.14
CA VAL A 247 -17.86 -22.49 24.34
C VAL A 247 -16.97 -23.18 25.36
N TYR A 248 -15.95 -22.52 25.81
CA TYR A 248 -15.06 -23.06 26.80
C TYR A 248 -15.08 -22.19 28.03
N VAL A 249 -15.46 -22.74 29.17
CA VAL A 249 -15.43 -22.00 30.40
C VAL A 249 -14.28 -22.60 31.16
N SER A 250 -13.21 -21.85 31.25
CA SER A 250 -12.01 -22.34 31.85
C SER A 250 -11.53 -21.58 33.06
N ASP A 251 -10.85 -22.32 33.91
CA ASP A 251 -10.22 -21.84 35.12
C ASP A 251 -11.19 -21.00 35.92
N SER A 252 -12.31 -21.61 36.20
CA SER A 252 -13.39 -20.97 36.84
C SER A 252 -13.56 -21.16 38.32
N SER A 253 -13.78 -20.06 39.01
CA SER A 253 -14.08 -20.07 40.41
C SER A 253 -15.58 -20.21 40.66
N GLU A 254 -16.36 -20.17 39.63
CA GLU A 254 -17.78 -20.28 39.77
C GLU A 254 -18.26 -21.66 40.09
N LYS A 255 -19.43 -21.71 40.64
CA LYS A 255 -20.12 -22.92 40.96
C LYS A 255 -20.44 -23.68 39.67
N SER A 256 -20.62 -24.98 39.76
CA SER A 256 -20.86 -25.81 38.63
C SER A 256 -22.11 -25.42 37.85
N ASP A 257 -23.18 -25.07 38.54
CA ASP A 257 -24.38 -24.64 37.86
C ASP A 257 -24.16 -23.35 37.11
N VAL A 258 -23.34 -22.47 37.64
CA VAL A 258 -23.03 -21.23 36.97
C VAL A 258 -22.24 -21.46 35.70
N ASN A 259 -21.29 -22.37 35.75
CA ASN A 259 -20.48 -22.66 34.60
C ASN A 259 -21.32 -23.19 33.42
N GLU A 260 -22.25 -24.08 33.69
CA GLU A 260 -23.15 -24.61 32.68
C GLU A 260 -24.06 -23.53 32.14
N LYS A 261 -24.55 -22.70 33.03
CA LYS A 261 -25.45 -21.61 32.71
C LYS A 261 -24.77 -20.63 31.79
N ILE A 262 -23.48 -20.43 31.96
CA ILE A 262 -22.77 -19.54 31.11
C ILE A 262 -22.79 -20.03 29.68
N ILE A 263 -22.60 -21.31 29.48
CA ILE A 263 -22.66 -21.87 28.17
C ILE A 263 -24.04 -21.72 27.61
N ALA A 264 -25.04 -22.00 28.41
CA ALA A 264 -26.40 -21.91 27.99
C ALA A 264 -26.86 -20.51 27.61
N GLU A 265 -26.54 -19.53 28.41
CA GLU A 265 -26.91 -18.17 28.14
C GLU A 265 -26.21 -17.64 26.91
N ILE A 266 -24.94 -17.94 26.75
CA ILE A 266 -24.20 -17.47 25.63
C ILE A 266 -24.76 -18.04 24.34
N CYS A 267 -25.05 -19.32 24.33
CA CYS A 267 -25.62 -19.95 23.18
C CYS A 267 -26.98 -19.37 22.87
N LYS A 268 -27.76 -19.13 23.90
CA LYS A 268 -29.09 -18.58 23.77
C LYS A 268 -29.04 -17.19 23.15
N SER A 269 -28.08 -16.40 23.56
CA SER A 269 -27.94 -15.09 22.98
C SER A 269 -27.54 -15.16 21.51
N VAL A 270 -26.71 -16.12 21.11
CA VAL A 270 -26.35 -16.29 19.72
C VAL A 270 -27.57 -16.74 18.91
N TRP A 271 -28.33 -17.62 19.49
CA TRP A 271 -29.50 -18.16 18.85
C TRP A 271 -30.49 -17.05 18.58
N ASP A 272 -30.73 -16.19 19.54
CA ASP A 272 -31.66 -15.11 19.36
C ASP A 272 -31.23 -14.18 18.27
N TYR A 273 -29.96 -13.84 18.21
CA TYR A 273 -29.52 -12.99 17.16
C TYR A 273 -29.71 -13.66 15.81
N LEU A 274 -29.33 -14.92 15.69
CA LEU A 274 -29.44 -15.65 14.44
C LEU A 274 -30.85 -15.91 13.95
N VAL A 275 -31.78 -16.11 14.85
CA VAL A 275 -33.13 -16.34 14.47
C VAL A 275 -33.70 -15.06 13.87
N LYS A 276 -33.43 -13.95 14.51
CA LYS A 276 -33.90 -12.67 14.04
C LYS A 276 -33.50 -12.35 12.61
N LYS B 1 -12.23 -3.75 -16.25
CA LYS B 1 -12.05 -2.64 -15.35
C LYS B 1 -10.76 -2.70 -14.56
N GLY B 2 -9.83 -1.75 -14.55
CA GLY B 2 -8.73 -1.78 -13.61
C GLY B 2 -7.84 -2.99 -13.74
N THR B 3 -7.77 -3.81 -12.71
CA THR B 3 -6.94 -5.00 -12.81
C THR B 3 -7.41 -5.97 -13.88
N ASP B 4 -8.70 -6.03 -14.14
CA ASP B 4 -9.23 -6.92 -15.17
C ASP B 4 -8.80 -6.55 -16.58
N SER B 5 -8.78 -5.26 -16.88
CA SER B 5 -8.38 -5.01 -18.25
C SER B 5 -6.89 -5.17 -18.40
N LEU B 6 -6.08 -5.03 -17.37
CA LEU B 6 -4.69 -5.38 -17.50
C LEU B 6 -4.54 -6.85 -17.75
N LYS B 7 -5.26 -7.65 -17.01
CA LYS B 7 -5.21 -9.09 -17.13
C LYS B 7 -5.65 -9.59 -18.49
N SER B 8 -6.71 -9.01 -19.01
CA SER B 8 -7.22 -9.34 -20.31
C SER B 8 -6.24 -8.96 -21.36
N SER B 9 -5.59 -7.84 -21.17
CA SER B 9 -4.62 -7.38 -22.10
C SER B 9 -3.42 -8.32 -22.17
N ILE B 10 -2.99 -8.81 -21.03
CA ILE B 10 -1.90 -9.73 -21.00
C ILE B 10 -2.30 -11.04 -21.68
N GLU B 11 -3.51 -11.47 -21.44
CA GLU B 11 -4.01 -12.69 -22.01
C GLU B 11 -4.07 -12.60 -23.51
N LYS B 12 -4.47 -11.46 -24.01
CA LYS B 12 -4.55 -11.24 -25.41
C LYS B 12 -3.18 -11.31 -26.03
N TYR B 13 -2.19 -10.76 -25.36
CA TYR B 13 -0.81 -10.79 -25.83
C TYR B 13 -0.30 -12.20 -25.89
N LEU B 14 -0.74 -13.05 -25.00
CA LEU B 14 -0.30 -14.42 -24.94
C LEU B 14 -0.94 -15.42 -25.92
N LYS B 15 -2.03 -15.02 -26.56
CA LYS B 15 -2.76 -15.94 -27.42
C LYS B 15 -1.97 -16.51 -28.56
N ASP B 16 -1.18 -15.72 -29.23
CA ASP B 16 -0.41 -16.24 -30.32
C ASP B 16 0.99 -16.71 -29.90
N LYS B 17 1.25 -16.78 -28.62
CA LYS B 17 2.56 -17.20 -28.17
C LYS B 17 2.58 -18.67 -27.89
N LYS B 18 3.52 -19.37 -28.48
CA LYS B 18 3.62 -20.80 -28.32
C LYS B 18 4.39 -21.24 -27.09
N ALA B 19 3.83 -20.93 -25.94
CA ALA B 19 4.38 -21.26 -24.65
C ALA B 19 3.32 -21.21 -23.58
N LYS B 20 3.62 -21.80 -22.45
CA LYS B 20 2.70 -21.74 -21.36
C LYS B 20 3.36 -20.78 -20.41
N VAL B 21 2.77 -19.60 -20.31
CA VAL B 21 3.32 -18.52 -19.55
C VAL B 21 2.54 -18.20 -18.30
N GLY B 22 3.21 -18.21 -17.16
CA GLY B 22 2.64 -17.89 -15.88
C GLY B 22 3.12 -16.57 -15.31
N VAL B 23 2.20 -15.75 -14.83
CA VAL B 23 2.50 -14.44 -14.29
C VAL B 23 1.87 -14.16 -12.95
N ALA B 24 2.59 -13.52 -12.06
CA ALA B 24 2.04 -13.12 -10.79
C ALA B 24 2.62 -11.81 -10.32
N VAL B 25 1.78 -10.93 -9.82
CA VAL B 25 2.19 -9.65 -9.31
C VAL B 25 1.57 -9.33 -7.97
N LEU B 26 2.39 -8.86 -7.05
CA LEU B 26 1.96 -8.45 -5.75
C LEU B 26 2.56 -7.11 -5.39
N GLY B 27 1.73 -6.12 -5.13
CA GLY B 27 2.24 -4.84 -4.69
C GLY B 27 2.80 -5.01 -3.30
N ILE B 28 3.95 -4.43 -3.04
CA ILE B 28 4.54 -4.50 -1.75
C ILE B 28 3.87 -3.68 -0.67
N GLU B 29 3.70 -2.41 -0.96
CA GLU B 29 3.10 -1.52 -0.03
C GLU B 29 1.58 -1.43 -0.12
N ASP B 30 0.99 -1.96 -1.17
CA ASP B 30 -0.45 -1.92 -1.31
C ASP B 30 -1.12 -3.29 -1.50
N ASN B 31 -2.36 -3.29 -1.90
CA ASN B 31 -3.09 -4.52 -2.07
C ASN B 31 -3.21 -5.04 -3.49
N PHE B 32 -2.46 -4.49 -4.42
CA PHE B 32 -2.51 -4.95 -5.79
C PHE B 32 -2.13 -6.41 -5.95
N LYS B 33 -2.89 -7.10 -6.76
CA LYS B 33 -2.66 -8.48 -7.02
C LYS B 33 -3.10 -8.85 -8.42
N LEU B 34 -2.26 -9.57 -9.15
CA LEU B 34 -2.59 -10.04 -10.47
C LEU B 34 -2.08 -11.46 -10.67
N ASN B 35 -2.88 -12.29 -11.31
CA ASN B 35 -2.47 -13.65 -11.59
C ASN B 35 -2.88 -14.10 -12.96
N VAL B 36 -1.96 -14.62 -13.71
CA VAL B 36 -2.30 -15.16 -15.00
C VAL B 36 -1.78 -16.57 -15.07
N ASN B 37 -2.66 -17.51 -15.36
CA ASN B 37 -2.34 -18.93 -15.46
C ASN B 37 -1.67 -19.45 -14.18
N GLU B 38 -2.18 -19.08 -13.07
CA GLU B 38 -1.69 -19.43 -11.76
C GLU B 38 -1.59 -20.89 -11.37
N LYS B 39 -2.62 -21.64 -11.71
CA LYS B 39 -2.70 -23.04 -11.32
C LYS B 39 -1.57 -23.95 -11.76
N HIS B 40 -1.00 -23.71 -12.91
CA HIS B 40 0.04 -24.51 -13.46
C HIS B 40 1.36 -24.57 -12.65
N HIS B 41 2.07 -25.67 -12.79
CA HIS B 41 3.35 -25.87 -12.16
C HIS B 41 4.42 -25.54 -13.17
N TYR B 42 5.24 -24.55 -12.88
CA TYR B 42 6.28 -24.11 -13.78
C TYR B 42 7.65 -24.50 -13.27
N PRO B 43 8.54 -24.91 -14.15
CA PRO B 43 9.90 -25.26 -13.74
C PRO B 43 10.69 -24.00 -13.43
N MET B 44 11.28 -24.00 -12.27
CA MET B 44 12.09 -22.92 -11.78
C MET B 44 13.43 -22.61 -12.40
N GLN B 45 14.20 -23.65 -12.68
CA GLN B 45 15.61 -23.58 -13.10
C GLN B 45 16.41 -22.79 -12.04
N SER B 46 17.20 -21.83 -12.49
CA SER B 46 18.06 -21.03 -11.62
C SER B 46 17.37 -20.08 -10.67
N THR B 47 16.07 -19.88 -10.83
CA THR B 47 15.31 -19.03 -9.96
C THR B 47 15.28 -19.56 -8.57
N TYR B 48 15.40 -20.87 -8.47
CA TYR B 48 15.46 -21.52 -7.12
CA TYR B 48 15.46 -21.49 -7.16
C TYR B 48 16.69 -21.19 -6.16
N LYS B 49 17.64 -20.55 -6.85
CA LYS B 49 18.81 -20.09 -6.15
C LYS B 49 18.43 -18.99 -5.13
N PHE B 50 17.34 -18.29 -5.36
CA PHE B 50 16.85 -17.32 -4.40
C PHE B 50 16.39 -18.02 -3.13
N HIS B 51 15.63 -19.07 -3.28
CA HIS B 51 15.14 -19.83 -2.17
C HIS B 51 16.27 -20.46 -1.38
N LEU B 52 17.24 -20.97 -2.10
CA LEU B 52 18.37 -21.57 -1.48
C LEU B 52 19.13 -20.53 -0.65
N ALA B 53 19.26 -19.33 -1.18
CA ALA B 53 19.93 -18.27 -0.48
C ALA B 53 19.24 -17.92 0.81
N LEU B 54 17.93 -17.89 0.79
CA LEU B 54 17.15 -17.60 1.97
C LEU B 54 17.46 -18.64 3.03
N ALA B 55 17.49 -19.91 2.65
CA ALA B 55 17.79 -20.95 3.58
C ALA B 55 19.19 -20.86 4.16
N VAL B 56 20.17 -20.55 3.34
CA VAL B 56 21.52 -20.41 3.79
C VAL B 56 21.63 -19.27 4.79
N LEU B 57 21.06 -18.14 4.45
CA LEU B 57 21.10 -17.00 5.31
C LEU B 57 20.37 -17.21 6.62
N ASP B 58 19.25 -17.91 6.57
CA ASP B 58 18.50 -18.21 7.75
C ASP B 58 19.29 -19.08 8.69
N LYS B 59 19.98 -20.06 8.14
CA LYS B 59 20.81 -20.93 8.92
C LYS B 59 21.91 -20.14 9.58
N LEU B 60 22.51 -19.20 8.88
CA LEU B 60 23.55 -18.41 9.45
C LEU B 60 23.02 -17.58 10.59
N ASP B 61 21.84 -17.01 10.39
CA ASP B 61 21.21 -16.18 11.37
C ASP B 61 20.91 -16.96 12.64
N LYS B 62 20.33 -18.14 12.49
CA LYS B 62 19.98 -18.98 13.61
C LYS B 62 21.13 -19.48 14.42
N GLU B 63 22.20 -19.84 13.74
CA GLU B 63 23.34 -20.36 14.42
C GLU B 63 24.43 -19.33 14.68
N ASN B 64 24.13 -18.09 14.37
CA ASN B 64 25.06 -17.00 14.60
C ASN B 64 26.41 -17.22 13.95
N ILE B 65 26.40 -17.63 12.69
CA ILE B 65 27.61 -17.84 11.93
C ILE B 65 27.74 -16.70 10.97
N SER B 66 28.92 -16.15 10.92
CA SER B 66 29.20 -15.05 10.09
C SER B 66 29.22 -15.40 8.64
N ILE B 67 28.86 -14.42 7.84
CA ILE B 67 28.85 -14.57 6.40
C ILE B 67 30.26 -14.69 5.83
N ASP B 68 31.24 -14.29 6.62
CA ASP B 68 32.62 -14.37 6.24
C ASP B 68 33.24 -15.70 6.56
N LYS B 69 32.48 -16.59 7.16
CA LYS B 69 32.97 -17.89 7.48
C LYS B 69 33.35 -18.59 6.21
N LYS B 70 34.51 -19.19 6.22
CA LYS B 70 35.04 -19.87 5.08
C LYS B 70 34.80 -21.37 5.04
N LEU B 71 34.51 -21.88 3.86
CA LEU B 71 34.29 -23.28 3.67
C LEU B 71 35.26 -23.91 2.67
N PHE B 72 35.78 -25.07 2.99
CA PHE B 72 36.67 -25.74 2.10
C PHE B 72 35.89 -26.47 1.03
N VAL B 73 36.19 -26.17 -0.21
CA VAL B 73 35.54 -26.77 -1.32
C VAL B 73 36.50 -27.68 -2.04
N LYS B 74 36.14 -28.93 -2.15
CA LYS B 74 36.96 -29.88 -2.83
C LYS B 74 36.91 -29.69 -4.32
N LYS B 75 37.96 -30.14 -4.98
CA LYS B 75 38.09 -30.06 -6.41
C LYS B 75 37.00 -30.81 -7.09
N SER B 76 36.63 -31.94 -6.52
CA SER B 76 35.58 -32.75 -7.09
C SER B 76 34.26 -32.03 -7.10
N GLU B 77 34.10 -31.08 -6.21
CA GLU B 77 32.92 -30.27 -6.13
C GLU B 77 32.75 -29.27 -7.24
N LEU B 78 33.82 -28.79 -7.82
CA LEU B 78 33.74 -27.85 -8.91
C LEU B 78 33.62 -28.58 -10.24
N LEU B 79 32.42 -29.00 -10.55
CA LEU B 79 32.16 -29.74 -11.75
C LEU B 79 32.41 -29.00 -13.02
N PRO B 80 33.01 -29.70 -13.95
CA PRO B 80 33.26 -29.21 -15.29
C PRO B 80 31.99 -29.30 -16.12
N ASN B 81 32.02 -28.65 -17.28
CA ASN B 81 30.93 -28.64 -18.19
C ASN B 81 29.60 -28.17 -17.61
N THR B 82 29.69 -27.14 -16.80
CA THR B 82 28.57 -26.50 -16.18
C THR B 82 28.88 -25.03 -15.95
N TRP B 83 27.89 -24.18 -15.89
CA TRP B 83 28.17 -22.79 -15.72
C TRP B 83 28.63 -22.55 -14.29
N SER B 84 29.88 -22.17 -14.16
CA SER B 84 30.45 -21.92 -12.90
C SER B 84 31.59 -20.94 -12.91
N PRO B 85 31.33 -19.72 -12.53
CA PRO B 85 32.38 -18.73 -12.42
C PRO B 85 33.39 -19.14 -11.36
N LEU B 86 32.94 -19.83 -10.32
CA LEU B 86 33.82 -20.28 -9.30
C LEU B 86 34.84 -21.27 -9.83
N ARG B 87 34.41 -22.19 -10.65
CA ARG B 87 35.31 -23.17 -11.22
C ARG B 87 36.32 -22.50 -12.11
N ASP B 88 35.88 -21.51 -12.85
CA ASP B 88 36.76 -20.80 -13.73
C ASP B 88 37.82 -20.12 -12.94
N LYS B 89 37.45 -19.52 -11.84
CA LYS B 89 38.36 -18.84 -10.96
C LYS B 89 39.35 -19.70 -10.20
N TYR B 90 38.90 -20.84 -9.76
CA TYR B 90 39.68 -21.75 -8.99
C TYR B 90 39.60 -23.13 -9.60
N PRO B 91 40.27 -23.31 -10.71
CA PRO B 91 40.21 -24.55 -11.46
C PRO B 91 40.69 -25.77 -10.72
N ASP B 92 41.63 -25.62 -9.83
CA ASP B 92 42.12 -26.75 -9.08
C ASP B 92 41.37 -27.02 -7.81
N GLY B 93 40.48 -26.13 -7.43
CA GLY B 93 39.68 -26.34 -6.25
C GLY B 93 40.51 -26.43 -5.00
N ASN B 94 40.06 -27.23 -4.04
CA ASN B 94 40.76 -27.43 -2.78
C ASN B 94 41.09 -26.09 -2.15
N VAL B 95 40.09 -25.26 -2.02
CA VAL B 95 40.25 -23.92 -1.56
C VAL B 95 39.20 -23.51 -0.54
N ASP B 96 39.56 -22.62 0.35
CA ASP B 96 38.64 -22.13 1.34
C ASP B 96 38.03 -20.84 0.85
N LEU B 97 36.72 -20.84 0.73
CA LEU B 97 35.98 -19.70 0.26
C LEU B 97 34.92 -19.26 1.22
N SER B 98 34.77 -17.98 1.35
CA SER B 98 33.77 -17.48 2.20
C SER B 98 32.41 -17.78 1.63
N ILE B 99 31.46 -17.90 2.52
CA ILE B 99 30.08 -18.13 2.19
C ILE B 99 29.56 -16.95 1.39
N SER B 100 30.01 -15.78 1.74
CA SER B 100 29.66 -14.61 1.06
C SER B 100 30.07 -14.67 -0.40
N GLU B 101 31.31 -15.06 -0.68
CA GLU B 101 31.75 -15.19 -2.04
C GLU B 101 30.97 -16.27 -2.75
N ILE B 102 30.72 -17.38 -2.10
CA ILE B 102 29.95 -18.43 -2.71
C ILE B 102 28.53 -17.94 -3.03
N LEU B 103 27.91 -17.23 -2.11
CA LEU B 103 26.57 -16.72 -2.32
C LEU B 103 26.46 -15.73 -3.47
N LYS B 104 27.45 -14.86 -3.58
CA LYS B 104 27.52 -13.86 -4.58
C LYS B 104 27.57 -14.53 -5.95
N ALA B 105 28.41 -15.52 -6.08
CA ALA B 105 28.49 -16.23 -7.31
C ALA B 105 27.18 -16.95 -7.64
N THR B 106 26.58 -17.59 -6.64
CA THR B 106 25.33 -18.29 -6.82
C THR B 106 24.12 -17.41 -7.15
N VAL B 107 23.87 -16.37 -6.39
CA VAL B 107 22.78 -15.47 -6.66
C VAL B 107 22.97 -14.48 -7.80
N SER B 108 24.01 -13.69 -7.76
CA SER B 108 24.28 -12.75 -8.82
C SER B 108 24.67 -13.33 -10.14
N ARG B 109 25.42 -14.39 -10.13
CA ARG B 109 25.93 -14.97 -11.34
C ARG B 109 25.45 -16.35 -11.72
N SER B 110 24.51 -16.88 -10.96
CA SER B 110 23.92 -18.16 -11.22
C SER B 110 24.87 -19.35 -11.25
N ASP B 111 25.89 -19.35 -10.44
CA ASP B 111 26.84 -20.42 -10.45
C ASP B 111 26.22 -21.76 -10.05
N ASN B 112 26.27 -22.73 -10.92
CA ASN B 112 25.77 -24.06 -10.62
C ASN B 112 26.55 -24.79 -9.54
N ASN B 113 27.87 -24.75 -9.58
CA ASN B 113 28.66 -25.41 -8.57
C ASN B 113 28.45 -24.75 -7.21
N GLY B 114 28.34 -23.45 -7.22
CA GLY B 114 28.09 -22.70 -6.03
C GLY B 114 26.77 -23.07 -5.41
N CYS B 115 25.76 -23.30 -6.24
CA CYS B 115 24.47 -23.68 -5.79
C CYS B 115 24.53 -25.03 -5.07
N ASP B 116 25.19 -25.99 -5.67
CA ASP B 116 25.33 -27.30 -5.08
C ASP B 116 26.13 -27.29 -3.78
N ILE B 117 27.14 -26.45 -3.68
CA ILE B 117 27.92 -26.32 -2.47
C ILE B 117 27.03 -25.84 -1.34
N LEU B 118 26.22 -24.83 -1.62
CA LEU B 118 25.29 -24.29 -0.66
C LEU B 118 24.22 -25.31 -0.26
N PHE B 119 23.77 -26.14 -1.19
CA PHE B 119 22.79 -27.15 -0.88
C PHE B 119 23.41 -28.11 0.14
N ARG B 120 24.66 -28.44 -0.02
CA ARG B 120 25.35 -29.29 0.90
C ARG B 120 25.40 -28.64 2.29
N PHE B 121 25.67 -27.35 2.32
CA PHE B 121 25.76 -26.61 3.55
C PHE B 121 24.47 -26.57 4.35
N VAL B 122 23.33 -26.46 3.68
CA VAL B 122 22.06 -26.44 4.36
C VAL B 122 21.50 -27.82 4.60
N GLY B 123 22.19 -28.85 4.16
CA GLY B 123 21.71 -30.17 4.33
C GLY B 123 20.90 -30.82 3.25
N GLY B 124 20.88 -30.30 2.05
CA GLY B 124 20.15 -30.90 0.97
C GLY B 124 18.89 -30.21 0.53
N THR B 125 18.36 -30.66 -0.59
CA THR B 125 17.19 -30.10 -1.20
C THR B 125 15.93 -30.17 -0.33
N ASN B 126 15.74 -31.26 0.38
CA ASN B 126 14.58 -31.41 1.23
C ASN B 126 14.58 -30.38 2.36
N LYS B 127 15.75 -30.06 2.87
CA LYS B 127 15.89 -29.09 3.91
C LYS B 127 15.42 -27.74 3.42
N VAL B 128 15.81 -27.38 2.22
CA VAL B 128 15.36 -26.13 1.69
C VAL B 128 13.87 -26.14 1.47
N HIS B 129 13.38 -27.27 1.00
CA HIS B 129 11.97 -27.43 0.71
C HIS B 129 11.16 -27.27 1.98
N ASN B 130 11.61 -27.85 3.06
CA ASN B 130 10.96 -27.70 4.32
C ASN B 130 11.01 -26.28 4.83
N PHE B 131 12.12 -25.62 4.65
CA PHE B 131 12.28 -24.28 5.12
C PHE B 131 11.28 -23.34 4.46
N ILE B 132 11.09 -23.48 3.18
CA ILE B 132 10.15 -22.69 2.44
C ILE B 132 8.71 -22.96 2.86
N SER B 133 8.37 -24.22 2.99
CA SER B 133 7.05 -24.66 3.38
C SER B 133 6.71 -24.15 4.74
N LYS B 134 7.67 -24.19 5.64
CA LYS B 134 7.44 -23.75 7.00
C LYS B 134 7.27 -22.26 7.11
N LEU B 135 7.56 -21.50 6.07
CA LEU B 135 7.34 -20.08 6.05
C LEU B 135 5.91 -19.72 5.72
N GLY B 136 5.09 -20.69 5.42
CA GLY B 136 3.74 -20.40 5.06
C GLY B 136 3.53 -20.22 3.59
N VAL B 137 4.49 -20.64 2.77
CA VAL B 137 4.31 -20.53 1.35
C VAL B 137 4.20 -21.90 0.76
N LYS B 138 3.07 -22.19 0.18
CA LYS B 138 2.84 -23.48 -0.42
C LYS B 138 3.08 -23.47 -1.90
N ASN B 139 3.00 -24.65 -2.48
CA ASN B 139 3.17 -24.84 -3.89
C ASN B 139 4.53 -24.55 -4.49
N ILE B 140 5.58 -24.90 -3.75
CA ILE B 140 6.92 -24.79 -4.23
C ILE B 140 7.55 -26.12 -4.00
N SER B 141 8.08 -26.72 -5.03
CA SER B 141 8.71 -28.00 -4.91
C SER B 141 10.18 -27.94 -5.24
N ILE B 142 11.02 -28.36 -4.33
CA ILE B 142 12.44 -28.37 -4.52
C ILE B 142 13.04 -29.75 -4.26
N LYS B 143 13.33 -30.47 -5.32
CA LYS B 143 13.88 -31.81 -5.26
C LYS B 143 15.22 -32.08 -5.87
N ALA B 144 15.70 -31.20 -6.72
CA ALA B 144 16.91 -31.47 -7.39
C ALA B 144 18.01 -30.46 -7.38
N THR B 145 19.21 -30.94 -7.22
CA THR B 145 20.39 -30.12 -7.29
C THR B 145 20.74 -29.81 -8.74
N GLU B 146 21.67 -28.93 -8.94
CA GLU B 146 22.09 -28.59 -10.27
C GLU B 146 22.74 -29.79 -10.95
N GLU B 147 23.48 -30.57 -10.18
CA GLU B 147 24.14 -31.72 -10.73
C GLU B 147 23.12 -32.71 -11.23
N GLU B 148 22.06 -32.93 -10.46
CA GLU B 148 21.00 -33.83 -10.84
C GLU B 148 20.27 -33.37 -12.10
N MET B 149 20.01 -32.09 -12.17
CA MET B 149 19.31 -31.41 -13.25
C MET B 149 20.02 -31.47 -14.58
N HIS B 150 21.32 -31.69 -14.51
CA HIS B 150 22.17 -31.73 -15.65
C HIS B 150 22.22 -33.06 -16.34
N LYS B 151 21.35 -33.96 -15.94
CA LYS B 151 21.31 -35.26 -16.52
C LYS B 151 20.14 -35.38 -17.44
N ALA B 152 19.17 -36.18 -17.04
CA ALA B 152 17.99 -36.39 -17.82
C ALA B 152 17.21 -35.09 -17.94
N TRP B 153 16.53 -34.96 -19.05
CA TRP B 153 15.74 -33.82 -19.40
C TRP B 153 14.61 -33.58 -18.42
N ASN B 154 14.02 -34.63 -17.96
N ASN B 154 14.01 -34.65 -17.95
CA ASN B 154 12.92 -34.53 -17.05
CA ASN B 154 12.90 -34.58 -17.04
C ASN B 154 13.16 -33.99 -15.64
C ASN B 154 13.16 -34.00 -15.64
N VAL B 155 14.39 -34.03 -15.19
CA VAL B 155 14.74 -33.58 -13.86
C VAL B 155 14.38 -32.18 -13.49
N GLN B 156 14.52 -31.24 -14.40
CA GLN B 156 14.21 -29.87 -14.15
C GLN B 156 12.76 -29.66 -13.78
N TYR B 157 11.87 -30.49 -14.27
CA TYR B 157 10.45 -30.37 -13.98
C TYR B 157 10.12 -30.62 -12.51
N THR B 158 10.97 -31.36 -11.83
CA THR B 158 10.80 -31.63 -10.42
C THR B 158 11.01 -30.41 -9.54
N ASN B 159 11.70 -29.39 -10.01
CA ASN B 159 11.83 -28.20 -9.23
C ASN B 159 10.79 -27.30 -9.83
N TRP B 160 9.63 -27.22 -9.21
CA TRP B 160 8.52 -26.45 -9.76
C TRP B 160 7.87 -25.49 -8.79
N THR B 161 7.11 -24.56 -9.33
CA THR B 161 6.39 -23.58 -8.57
C THR B 161 5.21 -22.99 -9.28
N THR B 162 4.29 -22.46 -8.49
CA THR B 162 3.22 -21.66 -9.02
C THR B 162 3.74 -20.20 -9.00
N PRO B 163 3.25 -19.37 -9.89
CA PRO B 163 3.70 -17.99 -9.94
C PRO B 163 3.38 -17.19 -8.71
N ASP B 164 2.18 -17.37 -8.16
CA ASP B 164 1.73 -16.67 -6.98
C ASP B 164 2.56 -16.99 -5.75
N ALA B 165 3.04 -18.21 -5.66
CA ALA B 165 3.87 -18.60 -4.56
C ALA B 165 5.18 -17.83 -4.53
N THR B 166 5.78 -17.62 -5.69
CA THR B 166 7.02 -16.89 -5.79
C THR B 166 6.82 -15.48 -5.32
N VAL B 167 5.74 -14.91 -5.77
CA VAL B 167 5.38 -13.58 -5.45
C VAL B 167 5.12 -13.41 -3.97
N GLN B 168 4.50 -14.40 -3.35
CA GLN B 168 4.27 -14.35 -1.94
C GLN B 168 5.58 -14.38 -1.20
N LEU B 169 6.46 -15.27 -1.61
CA LEU B 169 7.76 -15.39 -1.01
C LEU B 169 8.58 -14.13 -1.18
N LEU B 170 8.54 -13.52 -2.35
CA LEU B 170 9.28 -12.32 -2.63
C LEU B 170 8.85 -11.18 -1.75
N LYS B 171 7.57 -11.03 -1.54
CA LYS B 171 7.03 -10.00 -0.72
C LYS B 171 7.46 -10.15 0.73
N LYS B 172 7.43 -11.36 1.24
CA LYS B 172 7.83 -11.61 2.58
C LYS B 172 9.27 -11.20 2.78
N PHE B 173 10.12 -11.58 1.84
CA PHE B 173 11.52 -11.24 1.88
C PHE B 173 11.75 -9.75 1.80
N TYR B 174 11.08 -9.10 0.88
CA TYR B 174 11.23 -7.69 0.66
C TYR B 174 10.85 -6.84 1.84
N LYS B 175 9.87 -7.31 2.58
CA LYS B 175 9.41 -6.65 3.77
C LYS B 175 10.22 -7.01 5.00
N ASN B 176 11.29 -7.77 4.80
CA ASN B 176 12.17 -8.23 5.84
C ASN B 176 11.48 -9.02 6.94
N GLU B 177 10.71 -10.00 6.55
CA GLU B 177 10.00 -10.86 7.48
C GLU B 177 10.64 -12.20 7.67
N ILE B 178 11.66 -12.49 6.91
CA ILE B 178 12.32 -13.77 7.00
C ILE B 178 13.67 -13.82 7.65
N LEU B 179 14.48 -12.83 7.41
CA LEU B 179 15.82 -12.87 7.91
C LEU B 179 16.21 -11.70 8.74
N SER B 180 17.43 -11.76 9.23
CA SER B 180 18.03 -10.70 9.97
C SER B 180 18.26 -9.51 9.05
N LYS B 181 18.40 -8.34 9.64
CA LYS B 181 18.56 -7.16 8.84
C LYS B 181 19.82 -7.23 7.99
N ASN B 182 20.92 -7.69 8.56
CA ASN B 182 22.16 -7.81 7.84
C ASN B 182 22.07 -8.75 6.66
N SER B 183 21.47 -9.88 6.89
CA SER B 183 21.30 -10.85 5.87
C SER B 183 20.39 -10.35 4.78
N TYR B 184 19.34 -9.69 5.17
CA TYR B 184 18.38 -9.15 4.24
C TYR B 184 19.05 -8.14 3.33
N ASP B 185 19.84 -7.26 3.91
CA ASP B 185 20.52 -6.25 3.16
C ASP B 185 21.47 -6.88 2.17
N TYR B 186 22.17 -7.93 2.57
CA TYR B 186 23.10 -8.58 1.69
C TYR B 186 22.49 -9.26 0.47
N LEU B 187 21.46 -10.02 0.71
CA LEU B 187 20.80 -10.72 -0.33
C LEU B 187 20.16 -9.76 -1.33
N LEU B 188 19.57 -8.69 -0.82
CA LEU B 188 18.97 -7.71 -1.66
C LEU B 188 20.00 -7.07 -2.57
N ASN B 189 21.14 -6.75 -2.02
CA ASN B 189 22.20 -6.17 -2.81
C ASN B 189 22.70 -7.09 -3.90
N THR B 190 22.83 -8.38 -3.60
CA THR B 190 23.26 -9.31 -4.60
C THR B 190 22.26 -9.42 -5.73
N MET B 191 20.99 -9.36 -5.43
CA MET B 191 19.93 -9.40 -6.42
C MET B 191 19.94 -8.15 -7.30
N ILE B 192 20.27 -7.03 -6.73
CA ILE B 192 20.42 -5.78 -7.47
C ILE B 192 21.65 -5.68 -8.35
N GLU B 193 22.76 -6.16 -7.82
CA GLU B 193 24.05 -6.13 -8.44
C GLU B 193 24.17 -6.95 -9.71
N THR B 194 23.34 -7.95 -9.88
CA THR B 194 23.44 -8.85 -11.00
C THR B 194 23.30 -8.16 -12.32
N THR B 195 23.97 -8.66 -13.32
CA THR B 195 23.86 -8.16 -14.67
C THR B 195 23.13 -9.13 -15.59
N THR B 196 22.55 -10.17 -15.03
CA THR B 196 21.80 -11.15 -15.77
C THR B 196 20.46 -10.61 -16.24
N GLY B 197 19.91 -11.22 -17.24
CA GLY B 197 18.60 -10.87 -17.71
C GLY B 197 18.23 -9.45 -18.03
N PRO B 198 19.09 -8.70 -18.68
CA PRO B 198 18.82 -7.31 -19.03
C PRO B 198 17.66 -7.15 -19.99
N LYS B 199 17.34 -8.19 -20.73
CA LYS B 199 16.24 -8.18 -21.64
C LYS B 199 14.98 -8.76 -21.05
N ARG B 200 14.99 -9.08 -19.77
CA ARG B 200 13.82 -9.72 -19.19
C ARG B 200 12.89 -8.78 -18.47
N LEU B 201 12.84 -8.82 -17.16
CA LEU B 201 11.95 -7.96 -16.42
C LEU B 201 12.33 -6.51 -16.67
N LYS B 202 13.61 -6.26 -16.79
CA LYS B 202 14.15 -4.96 -17.02
C LYS B 202 14.19 -4.49 -18.45
N GLY B 203 13.84 -5.31 -19.41
CA GLY B 203 14.05 -4.93 -20.77
C GLY B 203 13.43 -3.67 -21.30
N LEU B 204 12.18 -3.43 -21.00
CA LEU B 204 11.51 -2.26 -21.47
C LEU B 204 11.30 -1.17 -20.43
N LEU B 205 11.80 -1.38 -19.25
CA LEU B 205 11.67 -0.40 -18.22
C LEU B 205 12.60 0.75 -18.42
N PRO B 206 12.27 1.86 -17.83
CA PRO B 206 13.09 3.05 -17.93
C PRO B 206 14.44 2.85 -17.33
N ASP B 207 15.45 3.48 -17.88
CA ASP B 207 16.79 3.37 -17.35
C ASP B 207 16.76 3.95 -15.95
N GLY B 208 17.52 3.36 -15.06
CA GLY B 208 17.56 3.82 -13.70
C GLY B 208 16.52 3.21 -12.79
N THR B 209 15.80 2.24 -13.28
CA THR B 209 14.81 1.58 -12.48
C THR B 209 15.52 0.51 -11.69
N VAL B 210 15.39 0.54 -10.39
CA VAL B 210 16.02 -0.43 -9.56
C VAL B 210 15.25 -1.74 -9.60
N VAL B 211 15.88 -2.80 -10.02
CA VAL B 211 15.26 -4.09 -10.03
C VAL B 211 16.10 -5.13 -9.33
N ALA B 212 15.56 -5.70 -8.28
CA ALA B 212 16.25 -6.76 -7.58
C ALA B 212 15.61 -8.02 -8.13
N HIS B 213 16.39 -8.89 -8.72
CA HIS B 213 15.83 -10.06 -9.35
C HIS B 213 16.73 -11.25 -9.51
N LYS B 214 16.15 -12.37 -9.89
CA LYS B 214 16.84 -13.60 -10.19
C LYS B 214 16.28 -14.26 -11.43
N THR B 215 17.14 -14.62 -12.35
CA THR B 215 16.76 -15.28 -13.59
C THR B 215 16.86 -16.78 -13.54
N GLY B 216 16.21 -17.42 -14.47
CA GLY B 216 16.28 -18.85 -14.60
C GLY B 216 16.19 -19.17 -16.05
N SER B 217 17.02 -20.07 -16.52
CA SER B 217 17.04 -20.45 -17.92
C SER B 217 17.24 -21.92 -18.14
N SER B 218 16.90 -22.42 -19.30
CA SER B 218 17.05 -23.83 -19.62
C SER B 218 17.54 -24.06 -21.02
N ASP B 219 17.83 -25.32 -21.30
CA ASP B 219 18.23 -25.81 -22.61
C ASP B 219 17.01 -25.96 -23.52
N THR B 220 17.27 -26.19 -24.79
CA THR B 220 16.34 -26.37 -25.80
C THR B 220 16.67 -27.81 -26.39
N ASN B 221 15.34 -28.52 -26.21
CA ASN B 221 15.36 -29.88 -26.64
C ASN B 221 15.29 -30.02 -28.14
N ASP B 222 15.39 -31.25 -28.61
CA ASP B 222 15.40 -31.49 -30.03
C ASP B 222 14.11 -31.31 -30.79
N LYS B 223 13.05 -31.07 -30.06
CA LYS B 223 11.79 -30.74 -30.66
C LYS B 223 11.54 -29.23 -30.62
N GLY B 224 12.60 -28.49 -30.38
CA GLY B 224 12.56 -27.07 -30.29
C GLY B 224 11.90 -26.48 -29.08
N ILE B 225 11.79 -27.25 -28.01
CA ILE B 225 11.13 -26.78 -26.82
C ILE B 225 12.11 -26.28 -25.78
N THR B 226 11.96 -25.01 -25.41
CA THR B 226 12.77 -24.45 -24.38
C THR B 226 11.93 -24.59 -23.13
N ALA B 227 12.39 -25.41 -22.21
CA ALA B 227 11.62 -25.70 -21.02
C ALA B 227 11.30 -24.55 -20.11
N ALA B 228 12.28 -23.71 -19.83
CA ALA B 228 12.07 -22.57 -18.99
C ALA B 228 12.86 -21.33 -19.32
N THR B 229 12.19 -20.20 -19.33
CA THR B 229 12.82 -18.93 -19.48
C THR B 229 12.11 -18.03 -18.49
N ASN B 230 12.75 -17.77 -17.37
CA ASN B 230 12.13 -17.01 -16.28
C ASN B 230 12.86 -15.80 -15.72
N ASP B 231 12.12 -14.90 -15.09
CA ASP B 231 12.63 -13.76 -14.36
C ASP B 231 11.66 -13.42 -13.22
N ILE B 232 12.17 -13.37 -12.01
CA ILE B 232 11.38 -13.01 -10.85
C ILE B 232 12.10 -11.94 -10.08
N GLY B 233 11.37 -11.01 -9.48
CA GLY B 233 11.96 -9.95 -8.72
C GLY B 233 11.10 -8.87 -8.07
N ILE B 234 11.76 -7.87 -7.55
CA ILE B 234 11.13 -6.74 -6.92
C ILE B 234 11.49 -5.52 -7.71
N ILE B 235 10.51 -4.76 -8.13
CA ILE B 235 10.72 -3.60 -8.94
C ILE B 235 10.31 -2.28 -8.28
N THR B 236 11.10 -1.26 -8.48
CA THR B 236 10.82 0.01 -7.87
C THR B 236 10.14 0.99 -8.81
N LEU B 237 8.96 1.41 -8.44
CA LEU B 237 8.21 2.37 -9.20
C LEU B 237 8.77 3.76 -9.07
N PRO B 238 8.34 4.63 -9.95
CA PRO B 238 8.76 6.02 -10.03
C PRO B 238 8.47 6.77 -8.76
N ASN B 239 7.44 6.38 -8.06
CA ASN B 239 7.11 7.03 -6.82
C ASN B 239 7.87 6.49 -5.65
N GLY B 240 8.74 5.53 -5.88
CA GLY B 240 9.50 4.94 -4.82
C GLY B 240 8.89 3.74 -4.16
N LYS B 241 7.62 3.53 -4.41
CA LYS B 241 7.00 2.22 -4.02
CA LYS B 241 6.99 2.26 -3.96
C LYS B 241 7.49 0.95 -4.86
N HIS B 242 7.08 -0.18 -4.38
CA HIS B 242 7.49 -1.44 -4.99
C HIS B 242 6.46 -2.50 -5.28
N PHE B 243 6.79 -3.36 -6.22
CA PHE B 243 5.99 -4.51 -6.52
C PHE B 243 6.82 -5.73 -6.85
N ALA B 244 6.30 -6.89 -6.48
CA ALA B 244 6.91 -8.15 -6.76
C ALA B 244 6.21 -8.74 -7.95
N ILE B 245 6.99 -9.27 -8.88
CA ILE B 245 6.50 -9.88 -10.11
C ILE B 245 7.31 -11.13 -10.42
N ALA B 246 6.68 -12.14 -10.99
CA ALA B 246 7.35 -13.34 -11.44
C ALA B 246 6.72 -13.73 -12.75
N VAL B 247 7.53 -14.06 -13.72
CA VAL B 247 7.10 -14.51 -15.02
C VAL B 247 7.80 -15.80 -15.39
N TYR B 248 7.07 -16.80 -15.80
CA TYR B 248 7.65 -18.05 -16.20
C TYR B 248 7.19 -18.37 -17.60
N VAL B 249 8.11 -18.44 -18.55
CA VAL B 249 7.75 -18.80 -19.89
C VAL B 249 8.21 -20.24 -20.00
N SER B 250 7.28 -21.15 -19.96
CA SER B 250 7.61 -22.54 -20.00
C SER B 250 7.16 -23.29 -21.22
N ASP B 251 7.93 -24.31 -21.54
CA ASP B 251 7.66 -25.22 -22.63
C ASP B 251 7.35 -24.49 -23.92
N SER B 252 8.27 -23.62 -24.28
CA SER B 252 8.14 -22.77 -25.40
C SER B 252 8.77 -23.22 -26.69
N SER B 253 8.01 -23.03 -27.73
CA SER B 253 8.45 -23.29 -29.07
C SER B 253 9.11 -22.07 -29.68
N GLU B 254 9.02 -20.94 -29.02
CA GLU B 254 9.58 -19.72 -29.54
C GLU B 254 11.06 -19.62 -29.36
N LYS B 255 11.66 -18.72 -30.10
CA LYS B 255 13.07 -18.45 -30.02
C LYS B 255 13.41 -17.72 -28.74
N SER B 256 14.69 -17.65 -28.44
CA SER B 256 15.14 -17.02 -27.24
C SER B 256 14.77 -15.58 -27.16
N ASP B 257 14.90 -14.85 -28.25
CA ASP B 257 14.57 -13.46 -28.22
C ASP B 257 13.11 -13.23 -27.94
N VAL B 258 12.24 -14.05 -28.48
CA VAL B 258 10.83 -13.96 -28.20
C VAL B 258 10.50 -14.29 -26.75
N ASN B 259 11.12 -15.32 -26.20
CA ASN B 259 10.86 -15.71 -24.83
C ASN B 259 11.21 -14.60 -23.83
N GLU B 260 12.33 -13.93 -24.06
CA GLU B 260 12.75 -12.81 -23.23
C GLU B 260 11.84 -11.61 -23.37
N LYS B 261 11.43 -11.35 -24.60
CA LYS B 261 10.56 -10.26 -24.95
C LYS B 261 9.23 -10.42 -24.28
N ILE B 262 8.78 -11.65 -24.14
CA ILE B 262 7.54 -11.89 -23.52
C ILE B 262 7.58 -11.41 -22.08
N ILE B 263 8.67 -11.69 -21.39
CA ILE B 263 8.83 -11.26 -20.06
C ILE B 263 8.90 -9.76 -19.99
N ALA B 264 9.66 -9.14 -20.87
CA ALA B 264 9.77 -7.73 -20.88
C ALA B 264 8.46 -7.00 -21.16
N GLU B 265 7.72 -7.47 -22.14
CA GLU B 265 6.45 -6.87 -22.46
C GLU B 265 5.42 -7.02 -21.35
N ILE B 266 5.37 -8.17 -20.73
CA ILE B 266 4.42 -8.39 -19.68
C ILE B 266 4.70 -7.49 -18.49
N CYS B 267 5.97 -7.36 -18.12
CA CYS B 267 6.38 -6.50 -17.05
C CYS B 267 6.08 -5.08 -17.41
N LYS B 268 6.33 -4.71 -18.63
CA LYS B 268 6.10 -3.37 -19.08
C LYS B 268 4.64 -2.97 -18.97
N SER B 269 3.73 -3.86 -19.32
CA SER B 269 2.34 -3.53 -19.17
C SER B 269 1.93 -3.39 -17.74
N VAL B 270 2.47 -4.22 -16.86
CA VAL B 270 2.20 -4.11 -15.44
C VAL B 270 2.74 -2.79 -14.91
N TRP B 271 3.93 -2.44 -15.36
CA TRP B 271 4.54 -1.21 -14.95
C TRP B 271 3.71 -0.03 -15.37
N ASP B 272 3.22 -0.02 -16.58
CA ASP B 272 2.43 1.08 -17.06
C ASP B 272 1.15 1.24 -16.29
N TYR B 273 0.47 0.15 -15.98
CA TYR B 273 -0.73 0.24 -15.24
C TYR B 273 -0.48 0.79 -13.84
N LEU B 274 0.56 0.33 -13.18
CA LEU B 274 0.86 0.76 -11.84
C LEU B 274 1.30 2.21 -11.77
N VAL B 275 2.02 2.67 -12.76
CA VAL B 275 2.44 4.02 -12.77
C VAL B 275 1.22 4.93 -12.86
N LYS B 276 0.31 4.63 -13.76
CA LYS B 276 -0.85 5.50 -13.91
C LYS B 276 -1.68 5.68 -12.65
N LYS C 1 46.70 4.52 12.04
CA LYS C 1 46.03 3.26 12.22
C LYS C 1 44.53 3.35 12.07
N GLY C 2 43.95 2.39 11.34
CA GLY C 2 42.53 2.35 11.10
C GLY C 2 42.06 3.53 10.32
N THR C 3 41.18 4.30 10.93
CA THR C 3 40.65 5.49 10.33
C THR C 3 41.72 6.53 10.11
N ASP C 4 42.73 6.55 10.97
CA ASP C 4 43.83 7.52 10.88
C ASP C 4 44.66 7.37 9.63
N SER C 5 44.96 6.15 9.25
CA SER C 5 45.70 5.90 8.06
C SER C 5 44.93 6.34 6.84
N LEU C 6 43.63 6.13 6.85
CA LEU C 6 42.82 6.53 5.74
C LEU C 6 42.85 8.03 5.63
N LYS C 7 42.69 8.70 6.76
CA LYS C 7 42.68 10.14 6.79
C LYS C 7 44.00 10.68 6.33
N SER C 8 45.09 10.08 6.77
CA SER C 8 46.40 10.52 6.36
C SER C 8 46.62 10.31 4.89
N SER C 9 46.11 9.22 4.38
CA SER C 9 46.23 8.94 2.98
C SER C 9 45.48 9.97 2.13
N ILE C 10 44.31 10.34 2.58
CA ILE C 10 43.54 11.34 1.88
C ILE C 10 44.25 12.68 1.91
N GLU C 11 44.81 13.04 3.04
CA GLU C 11 45.52 14.29 3.18
C GLU C 11 46.71 14.36 2.28
N LYS C 12 47.42 13.27 2.16
CA LYS C 12 48.55 13.20 1.29
C LYS C 12 48.11 13.40 -0.14
N TYR C 13 46.98 12.82 -0.50
CA TYR C 13 46.44 12.96 -1.84
C TYR C 13 46.07 14.41 -2.14
N LEU C 14 45.62 15.13 -1.14
CA LEU C 14 45.21 16.52 -1.29
C LEU C 14 46.31 17.56 -1.24
N LYS C 15 47.51 17.15 -0.88
CA LYS C 15 48.61 18.07 -0.68
C LYS C 15 48.97 18.89 -1.89
N ASP C 16 49.02 18.28 -3.05
CA ASP C 16 49.34 18.99 -4.25
C ASP C 16 48.11 19.48 -5.01
N LYS C 17 46.93 19.32 -4.45
CA LYS C 17 45.73 19.76 -5.15
C LYS C 17 45.46 21.22 -4.86
N LYS C 18 45.30 22.02 -5.88
CA LYS C 18 45.06 23.42 -5.66
C LYS C 18 43.61 23.76 -5.41
N ALA C 19 43.11 23.29 -4.30
CA ALA C 19 41.74 23.52 -3.88
C ALA C 19 41.60 23.32 -2.40
N LYS C 20 40.50 23.78 -1.85
CA LYS C 20 40.24 23.54 -0.46
C LYS C 20 39.15 22.50 -0.47
N VAL C 21 39.52 21.30 -0.13
CA VAL C 21 38.62 20.19 -0.18
C VAL C 21 38.14 19.69 1.16
N GLY C 22 36.84 19.61 1.33
CA GLY C 22 36.22 19.13 2.54
C GLY C 22 35.58 17.78 2.39
N VAL C 23 35.87 16.90 3.32
CA VAL C 23 35.37 15.55 3.32
C VAL C 23 34.76 15.08 4.61
N ALA C 24 33.64 14.40 4.54
CA ALA C 24 33.02 13.80 5.70
C ALA C 24 32.37 12.49 5.35
N VAL C 25 32.53 11.51 6.22
CA VAL C 25 31.96 10.20 6.06
C VAL C 25 31.31 9.73 7.33
N LEU C 26 30.14 9.16 7.22
CA LEU C 26 29.43 8.57 8.33
C LEU C 26 28.87 7.22 7.96
N GLY C 27 29.18 6.20 8.72
CA GLY C 27 28.60 4.90 8.49
C GLY C 27 27.13 4.95 8.87
N ILE C 28 26.27 4.36 8.07
CA ILE C 28 24.87 4.34 8.43
C ILE C 28 24.52 3.41 9.55
N GLU C 29 24.92 2.15 9.44
CA GLU C 29 24.60 1.22 10.46
C GLU C 29 25.69 0.94 11.51
N ASP C 30 26.85 1.54 11.36
CA ASP C 30 27.95 1.38 12.29
C ASP C 30 28.52 2.69 12.83
N ASN C 31 29.65 2.60 13.48
CA ASN C 31 30.29 3.74 14.11
C ASN C 31 31.28 4.55 13.29
N PHE C 32 31.51 4.20 12.05
CA PHE C 32 32.51 4.90 11.27
C PHE C 32 32.30 6.39 11.13
N LYS C 33 33.37 7.14 11.35
CA LYS C 33 33.36 8.56 11.25
C LYS C 33 34.70 9.04 10.72
N LEU C 34 34.70 9.82 9.65
CA LEU C 34 35.91 10.36 9.07
C LEU C 34 35.69 11.82 8.68
N ASN C 35 36.60 12.70 9.05
CA ASN C 35 36.50 14.09 8.69
C ASN C 35 37.81 14.64 8.20
N VAL C 36 37.78 15.41 7.13
CA VAL C 36 38.95 16.09 6.62
C VAL C 36 38.57 17.53 6.32
N ASN C 37 39.28 18.47 6.91
CA ASN C 37 39.06 19.89 6.74
C ASN C 37 37.62 20.27 7.06
N GLU C 38 37.13 19.74 8.17
CA GLU C 38 35.78 19.95 8.67
C GLU C 38 35.32 21.33 9.03
N LYS C 39 36.19 22.12 9.62
CA LYS C 39 35.84 23.45 10.11
C LYS C 39 35.42 24.47 9.08
N HIS C 40 35.95 24.36 7.89
CA HIS C 40 35.67 25.27 6.84
C HIS C 40 34.22 25.27 6.37
N HIS C 41 33.77 26.42 5.89
CA HIS C 41 32.44 26.59 5.36
C HIS C 41 32.57 26.43 3.87
N TYR C 42 31.88 25.46 3.30
CA TYR C 42 31.94 25.18 1.88
C TYR C 42 30.67 25.55 1.15
N PRO C 43 30.77 26.14 -0.02
CA PRO C 43 29.57 26.49 -0.78
C PRO C 43 28.92 25.27 -1.39
N MET C 44 27.66 25.11 -1.09
CA MET C 44 26.83 24.03 -1.53
C MET C 44 26.45 23.88 -2.98
N GLN C 45 26.10 24.98 -3.60
CA GLN C 45 25.53 25.07 -4.94
C GLN C 45 24.25 24.22 -4.97
N SER C 46 24.10 23.35 -5.97
CA SER C 46 22.93 22.52 -6.18
C SER C 46 22.70 21.43 -5.15
N THR C 47 23.70 21.19 -4.33
CA THR C 47 23.57 20.19 -3.29
C THR C 47 22.48 20.58 -2.34
N TYR C 48 22.26 21.86 -2.20
CA TYR C 48 21.15 22.36 -1.34
CA TYR C 48 21.19 22.31 -1.35
C TYR C 48 19.64 22.01 -1.70
N LYS C 49 19.57 21.50 -2.91
CA LYS C 49 18.30 21.04 -3.42
C LYS C 49 17.80 19.85 -2.62
N PHE C 50 18.72 19.11 -2.02
CA PHE C 50 18.39 18.02 -1.15
C PHE C 50 17.67 18.53 0.07
N HIS C 51 18.20 19.54 0.69
CA HIS C 51 17.62 20.14 1.86
C HIS C 51 16.28 20.74 1.58
N LEU C 52 16.16 21.39 0.45
CA LEU C 52 14.94 21.99 0.06
C LEU C 52 13.86 20.92 -0.10
N ALA C 53 14.25 19.82 -0.71
CA ALA C 53 13.37 18.70 -0.92
C ALA C 53 12.83 18.15 0.37
N LEU C 54 13.68 18.05 1.38
CA LEU C 54 13.29 17.58 2.70
C LEU C 54 12.25 18.52 3.25
N ALA C 55 12.48 19.80 3.07
CA ALA C 55 11.54 20.78 3.52
C ALA C 55 10.18 20.69 2.83
N VAL C 56 10.15 20.53 1.51
N VAL C 56 10.15 20.53 1.51
CA VAL C 56 8.88 20.41 0.83
CA VAL C 56 8.88 20.41 0.83
C VAL C 56 8.12 19.15 1.21
C VAL C 56 8.12 19.15 1.21
N LEU C 57 8.83 18.04 1.28
CA LEU C 57 8.24 16.79 1.63
C LEU C 57 7.69 16.80 3.05
N ASP C 58 8.41 17.40 3.98
CA ASP C 58 7.98 17.49 5.33
C ASP C 58 6.70 18.31 5.41
N LYS C 59 6.64 19.37 4.64
CA LYS C 59 5.49 20.18 4.59
C LYS C 59 4.28 19.43 4.06
N LEU C 60 4.46 18.62 3.05
CA LEU C 60 3.38 17.83 2.52
C LEU C 60 2.89 16.86 3.55
N ASP C 61 3.80 16.27 4.28
CA ASP C 61 3.47 15.32 5.29
C ASP C 61 2.64 15.94 6.41
N LYS C 62 3.09 17.08 6.90
CA LYS C 62 2.41 17.78 7.96
C LYS C 62 1.04 18.26 7.63
N GLU C 63 0.86 18.80 6.45
CA GLU C 63 -0.40 19.33 6.02
C GLU C 63 -1.26 18.29 5.32
N ASN C 64 -0.79 17.07 5.26
CA ASN C 64 -1.49 16.00 4.60
C ASN C 64 -1.83 16.32 3.17
N ILE C 65 -0.84 16.78 2.42
CA ILE C 65 -1.00 17.13 1.03
C ILE C 65 -0.31 16.11 0.17
N SER C 66 -1.01 15.67 -0.83
CA SER C 66 -0.49 14.72 -1.73
C SER C 66 0.58 15.30 -2.60
N ILE C 67 1.53 14.44 -2.93
CA ILE C 67 2.61 14.76 -3.81
C ILE C 67 2.11 14.98 -5.25
N ASP C 68 0.92 14.51 -5.53
CA ASP C 68 0.30 14.68 -6.83
C ASP C 68 -0.41 16.01 -7.00
N LYS C 69 -0.48 16.78 -5.94
CA LYS C 69 -1.10 18.05 -6.00
C LYS C 69 -0.39 18.93 -7.02
N LYS C 70 -1.16 19.62 -7.82
CA LYS C 70 -0.62 20.48 -8.83
C LYS C 70 -0.56 21.95 -8.47
N LEU C 71 0.52 22.60 -8.88
CA LEU C 71 0.74 23.99 -8.68
C LEU C 71 0.85 24.73 -10.00
N PHE C 72 0.17 25.84 -10.11
CA PHE C 72 0.22 26.63 -11.30
C PHE C 72 1.48 27.43 -11.25
N VAL C 73 2.25 27.33 -12.30
CA VAL C 73 3.50 28.01 -12.41
C VAL C 73 3.44 29.05 -13.51
N LYS C 74 3.71 30.27 -13.16
CA LYS C 74 3.67 31.32 -14.13
C LYS C 74 4.84 31.28 -15.08
N LYS C 75 4.64 31.84 -16.26
CA LYS C 75 5.64 31.92 -17.29
C LYS C 75 6.80 32.71 -16.76
N SER C 76 6.51 33.72 -15.98
CA SER C 76 7.54 34.55 -15.41
C SER C 76 8.45 33.78 -14.48
N GLU C 77 7.94 32.72 -13.91
CA GLU C 77 8.71 31.85 -13.06
C GLU C 77 9.76 30.99 -13.75
N LEU C 78 9.53 30.63 -15.00
CA LEU C 78 10.46 29.83 -15.73
C LEU C 78 11.49 30.69 -16.41
N LEU C 79 12.46 31.14 -15.65
CA LEU C 79 13.48 32.02 -16.17
C LEU C 79 14.33 31.38 -17.24
N PRO C 80 14.72 32.19 -18.17
CA PRO C 80 15.62 31.83 -19.24
C PRO C 80 17.07 31.93 -18.78
N ASN C 81 17.97 31.40 -19.59
CA ASN C 81 19.38 31.48 -19.32
C ASN C 81 19.83 30.87 -18.01
N THR C 82 19.21 29.77 -17.67
CA THR C 82 19.50 29.02 -16.48
C THR C 82 19.17 27.54 -16.72
N TRP C 83 19.82 26.63 -16.04
CA TRP C 83 19.55 25.25 -16.30
C TRP C 83 18.17 24.90 -15.79
N SER C 84 17.30 24.57 -16.72
CA SER C 84 15.97 24.20 -16.38
C SER C 84 15.32 23.30 -17.40
N PRO C 85 15.25 22.03 -17.10
CA PRO C 85 14.54 21.11 -17.95
C PRO C 85 13.07 21.48 -18.02
N LEU C 86 12.51 22.04 -16.97
CA LEU C 86 11.13 22.44 -16.96
C LEU C 86 10.84 23.55 -17.95
N ARG C 87 11.70 24.55 -18.04
CA ARG C 87 11.52 25.63 -18.99
C ARG C 87 11.58 25.12 -20.40
N ASP C 88 12.49 24.21 -20.64
CA ASP C 88 12.64 23.63 -21.93
C ASP C 88 11.42 22.87 -22.28
N LYS C 89 10.88 22.13 -21.34
CA LYS C 89 9.67 21.40 -21.55
C LYS C 89 8.41 22.23 -21.73
N TYR C 90 8.30 23.31 -20.99
CA TYR C 90 7.15 24.19 -21.01
C TYR C 90 7.57 25.64 -21.16
N PRO C 91 7.95 26.00 -22.37
CA PRO C 91 8.45 27.33 -22.70
C PRO C 91 7.49 28.46 -22.45
N ASP C 92 6.22 28.24 -22.69
CA ASP C 92 5.22 29.25 -22.48
C ASP C 92 4.78 29.37 -21.03
N GLY C 93 5.17 28.43 -20.18
CA GLY C 93 4.79 28.48 -18.79
C GLY C 93 3.30 28.41 -18.60
N ASN C 94 2.79 29.05 -17.56
CA ASN C 94 1.36 29.07 -17.27
C ASN C 94 0.77 27.69 -17.28
N VAL C 95 1.34 26.81 -16.50
CA VAL C 95 0.95 25.43 -16.48
C VAL C 95 0.85 24.84 -15.10
N ASP C 96 -0.06 23.91 -14.93
CA ASP C 96 -0.25 23.25 -13.67
C ASP C 96 0.62 22.02 -13.69
N LEU C 97 1.54 21.96 -12.74
CA LEU C 97 2.49 20.89 -12.62
C LEU C 97 2.45 20.27 -11.25
N SER C 98 2.48 18.97 -11.20
CA SER C 98 2.45 18.31 -9.95
C SER C 98 3.73 18.55 -9.19
N ILE C 99 3.63 18.49 -7.89
CA ILE C 99 4.76 18.68 -7.04
C ILE C 99 5.81 17.60 -7.30
N SER C 100 5.34 16.40 -7.56
CA SER C 100 6.20 15.33 -7.85
C SER C 100 7.02 15.60 -9.09
N GLU C 101 6.40 16.05 -10.17
CA GLU C 101 7.14 16.36 -11.36
C GLU C 101 8.14 17.47 -11.09
N ILE C 102 7.73 18.48 -10.35
CA ILE C 102 8.61 19.55 -10.00
C ILE C 102 9.78 19.05 -9.14
N LEU C 103 9.52 18.18 -8.20
CA LEU C 103 10.54 17.64 -7.34
C LEU C 103 11.55 16.82 -8.09
N LYS C 104 11.06 16.04 -9.03
CA LYS C 104 11.86 15.20 -9.84
C LYS C 104 12.85 16.03 -10.65
N ALA C 105 12.38 17.07 -11.29
CA ALA C 105 13.23 17.93 -12.04
C ALA C 105 14.28 18.60 -11.14
N THR C 106 13.87 19.07 -9.98
CA THR C 106 14.79 19.69 -9.05
C THR C 106 15.87 18.79 -8.44
N VAL C 107 15.52 17.64 -7.92
CA VAL C 107 16.48 16.74 -7.36
C VAL C 107 17.29 15.89 -8.35
N SER C 108 16.61 15.17 -9.21
CA SER C 108 17.26 14.37 -10.22
C SER C 108 17.99 15.12 -11.29
N ARG C 109 17.38 16.15 -11.78
CA ARG C 109 18.02 16.96 -12.83
CA ARG C 109 17.99 16.95 -12.81
C ARG C 109 18.59 18.43 -12.56
N SER C 110 18.57 18.72 -11.26
CA SER C 110 19.08 20.01 -10.83
C SER C 110 18.41 21.25 -11.40
N ASP C 111 17.12 21.21 -11.63
CA ASP C 111 16.43 22.32 -12.21
C ASP C 111 16.45 23.57 -11.31
N ASN C 112 17.01 24.64 -11.82
CA ASN C 112 17.04 25.91 -11.11
C ASN C 112 15.68 26.57 -10.91
N ASN C 113 14.85 26.57 -11.93
CA ASN C 113 13.53 27.13 -11.85
C ASN C 113 12.70 26.31 -10.90
N GLY C 114 12.88 25.01 -10.94
CA GLY C 114 12.18 24.11 -10.10
C GLY C 114 12.51 24.34 -8.65
N CYS C 115 13.76 24.60 -8.39
CA CYS C 115 14.22 24.87 -7.06
C CYS C 115 13.55 26.15 -6.52
N ASP C 116 13.54 27.19 -7.30
CA ASP C 116 12.92 28.43 -6.90
C ASP C 116 11.40 28.33 -6.71
N ILE C 117 10.74 27.55 -7.54
CA ILE C 117 9.31 27.35 -7.42
C ILE C 117 9.03 26.69 -6.07
N LEU C 118 9.81 25.69 -5.74
CA LEU C 118 9.74 24.97 -4.50
C LEU C 118 10.07 25.84 -3.30
N PHE C 119 11.02 26.75 -3.44
CA PHE C 119 11.36 27.65 -2.36
C PHE C 119 10.11 28.50 -2.06
N ARG C 120 9.39 28.91 -3.09
CA ARG C 120 8.19 29.68 -2.89
C ARG C 120 7.14 28.89 -2.15
N PHE C 121 7.00 27.63 -2.49
CA PHE C 121 6.03 26.77 -1.88
C PHE C 121 6.25 26.58 -0.39
N VAL C 122 7.48 26.45 0.04
CA VAL C 122 7.75 26.30 1.44
C VAL C 122 7.92 27.60 2.19
N GLY C 123 7.79 28.71 1.50
CA GLY C 123 7.93 29.98 2.13
C GLY C 123 9.22 30.74 2.12
N GLY C 124 10.21 30.29 1.39
CA GLY C 124 11.44 31.01 1.30
C GLY C 124 12.62 30.33 1.92
N THR C 125 13.77 30.90 1.70
CA THR C 125 15.02 30.35 2.17
C THR C 125 15.13 30.23 3.68
N ASN C 126 14.65 31.22 4.42
CA ASN C 126 14.72 31.16 5.85
C ASN C 126 13.92 30.00 6.41
N LYS C 127 12.79 29.71 5.81
CA LYS C 127 11.97 28.62 6.26
C LYS C 127 12.72 27.32 6.15
N VAL C 128 13.41 27.12 5.05
CA VAL C 128 14.21 25.94 4.89
C VAL C 128 15.35 25.89 5.88
N HIS C 129 15.98 27.03 6.10
CA HIS C 129 17.07 27.16 7.02
C HIS C 129 16.64 26.81 8.43
N ASN C 130 15.48 27.28 8.78
CA ASN C 130 14.92 26.99 10.07
C ASN C 130 14.56 25.53 10.21
N PHE C 131 14.04 24.95 9.15
CA PHE C 131 13.63 23.55 9.19
C PHE C 131 14.81 22.64 9.43
N ILE C 132 15.91 22.89 8.74
CA ILE C 132 17.12 22.13 8.90
C ILE C 132 17.72 22.29 10.29
N SER C 133 17.83 23.53 10.74
CA SER C 133 18.38 23.83 12.04
C SER C 133 17.55 23.16 13.11
N LYS C 134 16.24 23.17 12.94
CA LYS C 134 15.43 22.59 13.99
C LYS C 134 15.39 21.08 13.98
N LEU C 135 16.06 20.48 13.02
CA LEU C 135 16.28 19.06 13.02
C LEU C 135 17.50 18.68 13.85
N GLY C 136 18.12 19.65 14.46
CA GLY C 136 19.30 19.38 15.23
C GLY C 136 20.56 19.30 14.43
N VAL C 137 20.59 19.95 13.28
CA VAL C 137 21.80 19.94 12.50
C VAL C 137 22.27 21.35 12.36
N LYS C 138 23.41 21.62 12.96
CA LYS C 138 23.95 22.95 12.85
C LYS C 138 24.91 23.09 11.70
N ASN C 139 25.44 24.29 11.56
CA ASN C 139 26.35 24.64 10.51
C ASN C 139 25.91 24.52 9.06
N ILE C 140 24.66 24.86 8.80
CA ILE C 140 24.18 24.87 7.45
C ILE C 140 23.52 26.20 7.25
N SER C 141 23.92 26.92 6.25
CA SER C 141 23.35 28.19 5.97
C SER C 141 22.64 28.26 4.62
N ILE C 142 21.37 28.61 4.63
CA ILE C 142 20.60 28.73 3.41
C ILE C 142 20.02 30.13 3.28
N LYS C 143 20.66 30.96 2.49
CA LYS C 143 20.23 32.33 2.26
C LYS C 143 19.79 32.72 0.88
N ALA C 144 20.18 31.97 -0.13
CA ALA C 144 19.88 32.38 -1.48
C ALA C 144 19.22 31.40 -2.41
N THR C 145 18.33 31.92 -3.21
CA THR C 145 17.65 31.19 -4.25
C THR C 145 18.51 31.06 -5.49
N GLU C 146 18.11 30.23 -6.43
CA GLU C 146 18.85 30.06 -7.65
C GLU C 146 18.91 31.34 -8.45
N GLU C 147 17.81 32.07 -8.48
CA GLU C 147 17.78 33.31 -9.19
C GLU C 147 18.76 34.30 -8.57
N GLU C 148 18.81 34.38 -7.25
CA GLU C 148 19.73 35.27 -6.56
C GLU C 148 21.19 34.92 -6.79
N MET C 149 21.48 33.63 -6.84
CA MET C 149 22.81 33.09 -7.04
C MET C 149 23.36 33.35 -8.43
N HIS C 150 22.47 33.64 -9.35
CA HIS C 150 22.84 33.87 -10.71
C HIS C 150 23.25 35.30 -10.99
N LYS C 151 23.39 36.09 -9.96
CA LYS C 151 23.78 37.45 -10.11
C LYS C 151 25.23 37.64 -9.73
N ALA C 152 25.50 38.26 -8.60
CA ALA C 152 26.85 38.45 -8.18
C ALA C 152 27.54 37.14 -7.85
N TRP C 153 28.83 37.13 -8.04
CA TRP C 153 29.67 36.00 -7.78
C TRP C 153 29.70 35.62 -6.31
N ASN C 154 29.66 36.55 -5.46
N ASN C 154 29.62 36.59 -5.43
CA ASN C 154 29.70 36.31 -4.04
CA ASN C 154 29.69 36.37 -4.01
C ASN C 154 28.51 35.60 -3.42
C ASN C 154 28.50 35.63 -3.42
N VAL C 155 27.37 35.69 -4.08
CA VAL C 155 26.14 35.10 -3.59
C VAL C 155 26.16 33.64 -3.29
N GLN C 156 26.83 32.85 -4.09
CA GLN C 156 26.91 31.42 -3.87
C GLN C 156 27.56 31.09 -2.53
N TYR C 157 28.45 31.93 -2.03
CA TYR C 157 29.09 31.70 -0.75
C TYR C 157 28.15 31.78 0.44
N THR C 158 27.04 32.48 0.30
CA THR C 158 26.06 32.60 1.34
C THR C 158 25.30 31.31 1.61
N ASN C 159 25.30 30.38 0.67
CA ASN C 159 24.69 29.10 0.92
C ASN C 159 25.85 28.21 1.27
N TRP C 160 26.09 27.98 2.55
CA TRP C 160 27.23 27.21 2.98
C TRP C 160 26.98 26.09 3.96
N THR C 161 27.94 25.20 4.05
CA THR C 161 27.88 24.10 4.96
C THR C 161 29.22 23.53 5.30
N THR C 162 29.24 22.84 6.41
CA THR C 162 30.38 22.05 6.81
C THR C 162 30.12 20.62 6.30
N PRO C 163 31.16 19.89 6.03
CA PRO C 163 31.00 18.53 5.54
C PRO C 163 30.31 17.61 6.52
N ASP C 164 30.66 17.73 7.80
CA ASP C 164 30.06 16.92 8.81
C ASP C 164 28.58 17.17 8.93
N ALA C 165 28.14 18.40 8.77
CA ALA C 165 26.73 18.69 8.87
C ALA C 165 25.92 17.96 7.80
N THR C 166 26.44 17.91 6.59
CA THR C 166 25.80 17.24 5.49
C THR C 166 25.64 15.76 5.77
N VAL C 167 26.71 15.16 6.22
CA VAL C 167 26.75 13.77 6.51
C VAL C 167 25.77 13.44 7.64
N GLN C 168 25.66 14.29 8.63
CA GLN C 168 24.73 14.07 9.70
C GLN C 168 23.33 14.12 9.14
N LEU C 169 23.05 15.07 8.29
CA LEU C 169 21.76 15.18 7.70
C LEU C 169 21.42 13.98 6.82
N LEU C 170 22.37 13.50 6.05
CA LEU C 170 22.13 12.39 5.16
C LEU C 170 21.75 11.14 5.92
N LYS C 171 22.45 10.87 6.99
CA LYS C 171 22.20 9.72 7.81
C LYS C 171 20.83 9.77 8.42
N LYS C 172 20.42 10.93 8.89
CA LYS C 172 19.12 11.07 9.48
C LYS C 172 18.07 10.75 8.46
N PHE C 173 18.26 11.27 7.25
CA PHE C 173 17.37 11.02 6.18
C PHE C 173 17.34 9.56 5.79
N TYR C 174 18.51 8.95 5.67
CA TYR C 174 18.62 7.60 5.24
C TYR C 174 17.97 6.59 6.16
N LYS C 175 17.94 6.89 7.44
CA LYS C 175 17.33 6.05 8.43
C LYS C 175 15.86 6.33 8.64
N ASN C 176 15.30 7.15 7.76
CA ASN C 176 13.92 7.54 7.82
C ASN C 176 13.51 8.15 9.14
N GLU C 177 14.29 9.11 9.60
CA GLU C 177 14.02 9.83 10.83
C GLU C 177 13.39 11.19 10.63
N ILE C 178 13.26 11.62 9.40
CA ILE C 178 12.70 12.90 9.11
C ILE C 178 11.32 12.96 8.49
N LEU C 179 11.09 12.12 7.53
CA LEU C 179 9.87 12.17 6.80
C LEU C 179 9.05 10.94 6.96
N SER C 180 7.91 10.98 6.32
CA SER C 180 7.03 9.85 6.28
C SER C 180 7.63 8.77 5.38
N LYS C 181 7.12 7.57 5.49
CA LYS C 181 7.64 6.48 4.71
C LYS C 181 7.48 6.70 3.22
N ASN C 182 6.32 7.17 2.81
CA ASN C 182 6.10 7.42 1.42
C ASN C 182 7.02 8.52 0.87
N SER C 183 7.13 9.60 1.59
CA SER C 183 7.97 10.69 1.18
C SER C 183 9.43 10.25 1.11
N TYR C 184 9.86 9.49 2.09
CA TYR C 184 11.21 9.00 2.15
C TYR C 184 11.51 8.13 0.96
N ASP C 185 10.60 7.22 0.63
CA ASP C 185 10.79 6.35 -0.49
C ASP C 185 10.91 7.15 -1.77
N TYR C 186 10.10 8.17 -1.93
CA TYR C 186 10.17 8.96 -3.11
C TYR C 186 11.46 9.73 -3.29
N LEU C 187 11.90 10.40 -2.26
CA LEU C 187 13.11 11.16 -2.36
C LEU C 187 14.33 10.30 -2.61
N LEU C 188 14.42 9.17 -1.96
CA LEU C 188 15.52 8.28 -2.16
C LEU C 188 15.56 7.80 -3.60
N ASN C 189 14.42 7.45 -4.16
CA ASN C 189 14.37 7.01 -5.52
C ASN C 189 14.81 8.07 -6.50
N THR C 190 14.44 9.32 -6.28
CA THR C 190 14.88 10.35 -7.16
C THR C 190 16.39 10.52 -7.12
N MET C 191 16.99 10.36 -5.95
CA MET C 191 18.42 10.45 -5.77
C MET C 191 19.19 9.33 -6.46
N ILE C 192 18.64 8.14 -6.46
CA ILE C 192 19.20 7.00 -7.16
C ILE C 192 19.06 7.10 -8.67
N GLU C 193 17.91 7.59 -9.09
CA GLU C 193 17.51 7.75 -10.47
C GLU C 193 18.33 8.71 -11.29
N THR C 194 18.97 9.65 -10.65
CA THR C 194 19.72 10.66 -11.35
C THR C 194 20.85 10.11 -12.15
N THR C 195 21.14 10.78 -13.24
CA THR C 195 22.27 10.45 -14.09
C THR C 195 23.39 11.47 -14.00
N THR C 196 23.26 12.41 -13.10
CA THR C 196 24.25 13.44 -12.88
C THR C 196 25.51 12.92 -12.22
N GLY C 197 26.59 13.62 -12.41
CA GLY C 197 27.81 13.30 -11.77
C GLY C 197 28.35 11.89 -11.81
N PRO C 198 28.35 11.24 -12.97
CA PRO C 198 28.85 9.89 -13.10
C PRO C 198 30.33 9.78 -12.82
N LYS C 199 31.08 10.84 -12.95
CA LYS C 199 32.48 10.80 -12.68
C LYS C 199 32.81 11.24 -11.27
N ARG C 200 31.83 11.46 -10.42
CA ARG C 200 32.13 11.94 -9.08
C ARG C 200 32.21 10.86 -8.03
N LEU C 201 31.22 10.73 -7.17
CA LEU C 201 31.27 9.72 -6.14
C LEU C 201 31.31 8.35 -6.78
N LYS C 202 30.57 8.19 -7.85
CA LYS C 202 30.46 6.97 -8.57
C LYS C 202 31.55 6.67 -9.56
N GLY C 203 32.47 7.58 -9.78
CA GLY C 203 33.43 7.39 -10.82
C GLY C 203 34.31 6.17 -10.83
N LEU C 204 34.82 5.80 -9.68
CA LEU C 204 35.67 4.68 -9.59
C LEU C 204 35.07 3.47 -8.86
N LEU C 205 33.82 3.55 -8.49
CA LEU C 205 33.18 2.45 -7.83
C LEU C 205 32.82 1.37 -8.80
N PRO C 206 32.55 0.19 -8.27
CA PRO C 206 32.19 -0.94 -9.09
C PRO C 206 30.87 -0.74 -9.80
N ASP C 207 30.72 -1.30 -10.97
CA ASP C 207 29.48 -1.20 -11.72
C ASP C 207 28.44 -1.89 -10.88
N GLY C 208 27.25 -1.35 -10.85
CA GLY C 208 26.19 -1.93 -10.08
C GLY C 208 26.12 -1.47 -8.64
N THR C 209 26.91 -0.50 -8.26
CA THR C 209 26.89 0.02 -6.93
C THR C 209 25.78 1.04 -6.85
N VAL C 210 24.90 0.88 -5.90
CA VAL C 210 23.81 1.79 -5.73
C VAL C 210 24.27 3.04 -5.01
N VAL C 211 24.11 4.18 -5.65
CA VAL C 211 24.46 5.42 -5.04
C VAL C 211 23.32 6.41 -5.12
N ALA C 212 22.84 6.89 -4.00
CA ALA C 212 21.82 7.89 -4.00
C ALA C 212 22.58 9.16 -3.69
N HIS C 213 22.50 10.15 -4.54
CA HIS C 213 23.28 11.35 -4.37
C HIS C 213 22.76 12.60 -5.01
N LYS C 214 23.36 13.70 -4.65
CA LYS C 214 23.06 15.00 -5.20
C LYS C 214 24.32 15.77 -5.50
N THR C 215 24.47 16.21 -6.73
CA THR C 215 25.60 17.00 -7.16
C THR C 215 25.45 18.49 -6.96
N GLY C 216 26.57 19.17 -6.99
CA GLY C 216 26.61 20.60 -6.91
C GLY C 216 27.73 21.11 -7.78
N SER C 217 27.47 22.14 -8.55
CA SER C 217 28.47 22.68 -9.44
C SER C 217 28.43 24.19 -9.60
N SER C 218 29.53 24.77 -10.01
CA SER C 218 29.59 26.19 -10.19
C SER C 218 30.33 26.62 -11.42
N ASP C 219 30.28 27.92 -11.66
CA ASP C 219 30.99 28.58 -12.72
C ASP C 219 32.45 28.76 -12.37
N THR C 220 33.25 29.13 -13.34
CA THR C 220 34.65 29.38 -13.15
C THR C 220 34.89 30.84 -13.40
N ASN C 221 35.47 31.52 -12.45
CA ASN C 221 35.75 32.91 -12.58
C ASN C 221 36.93 33.20 -13.46
N ASP C 222 37.16 34.46 -13.75
CA ASP C 222 38.22 34.84 -14.66
C ASP C 222 39.63 34.73 -14.14
N LYS C 223 39.74 34.37 -12.90
CA LYS C 223 41.01 34.08 -12.33
C LYS C 223 41.25 32.57 -12.28
N GLY C 224 40.44 31.85 -13.02
CA GLY C 224 40.50 30.41 -13.08
C GLY C 224 40.04 29.69 -11.85
N ILE C 225 39.22 30.29 -11.03
CA ILE C 225 38.76 29.67 -9.83
C ILE C 225 37.36 29.10 -9.95
N THR C 226 37.23 27.81 -9.75
CA THR C 226 35.95 27.16 -9.79
C THR C 226 35.52 27.08 -8.33
N ALA C 227 34.47 27.80 -7.99
CA ALA C 227 34.01 27.89 -6.63
C ALA C 227 33.60 26.60 -5.97
N ALA C 228 32.82 25.80 -6.65
CA ALA C 228 32.40 24.55 -6.11
C ALA C 228 32.21 23.40 -7.08
N THR C 229 32.68 22.24 -6.69
CA THR C 229 32.48 21.00 -7.42
C THR C 229 32.20 19.97 -6.32
N ASN C 230 30.92 19.67 -6.11
CA ASN C 230 30.50 18.80 -5.04
C ASN C 230 29.67 17.58 -5.37
N ASP C 231 29.71 16.57 -4.52
CA ASP C 231 28.88 15.38 -4.59
C ASP C 231 28.64 14.86 -3.20
N ILE C 232 27.39 14.71 -2.82
CA ILE C 232 27.02 14.20 -1.52
C ILE C 232 26.07 13.03 -1.65
N GLY C 233 26.18 12.02 -0.81
CA GLY C 233 25.29 10.90 -0.89
C GLY C 233 25.41 9.70 0.02
N ILE C 234 24.64 8.68 -0.29
CA ILE C 234 24.63 7.44 0.45
C ILE C 234 25.06 6.34 -0.49
N ILE C 235 26.03 5.57 -0.07
CA ILE C 235 26.58 4.53 -0.88
C ILE C 235 26.39 3.13 -0.30
N THR C 236 26.14 2.18 -1.16
CA THR C 236 25.90 0.85 -0.73
C THR C 236 27.10 -0.03 -0.95
N LEU C 237 27.58 -0.57 0.14
CA LEU C 237 28.71 -1.48 0.15
C LEU C 237 28.32 -2.85 -0.37
N PRO C 238 29.31 -3.65 -0.68
CA PRO C 238 29.13 -4.99 -1.23
C PRO C 238 28.35 -5.89 -0.30
N ASN C 239 28.48 -5.67 0.99
CA ASN C 239 27.80 -6.45 1.96
C ASN C 239 26.37 -6.00 2.20
N GLY C 240 25.94 -4.97 1.51
CA GLY C 240 24.60 -4.47 1.67
C GLY C 240 24.46 -3.36 2.69
N LYS C 241 25.49 -3.09 3.45
CA LYS C 241 25.49 -2.00 4.41
C LYS C 241 25.72 -0.66 3.69
N HIS C 242 25.57 0.44 4.40
CA HIS C 242 25.69 1.75 3.81
C HIS C 242 26.51 2.81 4.49
N PHE C 243 26.99 3.76 3.72
CA PHE C 243 27.65 4.90 4.27
C PHE C 243 27.33 6.19 3.56
N ALA C 244 27.31 7.26 4.32
CA ALA C 244 27.06 8.58 3.83
C ALA C 244 28.37 9.28 3.70
N ILE C 245 28.56 9.96 2.59
CA ILE C 245 29.76 10.70 2.29
C ILE C 245 29.45 12.03 1.64
N ALA C 246 30.23 13.04 1.97
CA ALA C 246 30.10 14.34 1.35
C ALA C 246 31.47 14.82 1.03
N VAL C 247 31.66 15.31 -0.18
CA VAL C 247 32.91 15.86 -0.62
C VAL C 247 32.68 17.20 -1.28
N TYR C 248 33.38 18.22 -0.83
CA TYR C 248 33.27 19.53 -1.40
C TYR C 248 34.61 20.02 -1.91
N VAL C 249 34.73 20.26 -3.20
CA VAL C 249 35.94 20.79 -3.75
C VAL C 249 35.66 22.25 -4.03
N SER C 250 36.22 23.12 -3.23
CA SER C 250 35.97 24.51 -3.36
C SER C 250 37.18 25.37 -3.66
N ASP C 251 36.92 26.47 -4.34
CA ASP C 251 37.89 27.46 -4.71
C ASP C 251 39.11 26.85 -5.38
N SER C 252 38.83 26.01 -6.34
CA SER C 252 39.80 25.28 -7.07
C SER C 252 40.37 25.92 -8.31
N SER C 253 41.67 25.82 -8.44
CA SER C 253 42.36 26.26 -9.63
C SER C 253 42.52 25.14 -10.65
N GLU C 254 42.14 23.96 -10.28
CA GLU C 254 42.26 22.81 -11.14
C GLU C 254 41.23 22.76 -12.22
N LYS C 255 41.53 21.98 -13.22
CA LYS C 255 40.63 21.71 -14.32
C LYS C 255 39.43 20.93 -13.81
N SER C 256 38.33 21.03 -14.51
CA SER C 256 37.13 20.37 -14.08
C SER C 256 37.26 18.87 -14.01
N ASP C 257 38.00 18.27 -14.92
CA ASP C 257 38.20 16.85 -14.90
C ASP C 257 38.94 16.50 -13.62
N VAL C 258 39.88 17.32 -13.20
CA VAL C 258 40.61 17.08 -11.98
C VAL C 258 39.73 17.20 -10.74
N ASN C 259 38.88 18.20 -10.72
CA ASN C 259 38.00 18.41 -9.60
C ASN C 259 37.06 17.21 -9.38
N GLU C 260 36.53 16.66 -10.46
CA GLU C 260 35.69 15.47 -10.42
C GLU C 260 36.46 14.26 -9.96
N LYS C 261 37.68 14.13 -10.43
CA LYS C 261 38.58 13.06 -10.12
C LYS C 261 38.90 13.03 -8.65
N ILE C 262 39.01 14.20 -8.07
CA ILE C 262 39.30 14.30 -6.68
C ILE C 262 38.20 13.63 -5.86
N ILE C 263 36.96 13.88 -6.22
CA ILE C 263 35.86 13.29 -5.54
C ILE C 263 35.86 11.80 -5.72
N ALA C 264 36.08 11.37 -6.93
CA ALA C 264 36.10 9.98 -7.23
C ALA C 264 37.20 9.21 -6.51
N GLU C 265 38.40 9.76 -6.51
CA GLU C 265 39.50 9.12 -5.84
C GLU C 265 39.29 9.06 -4.35
N ILE C 266 38.81 10.14 -3.78
CA ILE C 266 38.59 10.18 -2.37
C ILE C 266 37.53 9.17 -1.97
N CYS C 267 36.43 9.12 -2.70
CA CYS C 267 35.38 8.18 -2.40
C CYS C 267 35.91 6.76 -2.55
N LYS C 268 36.70 6.54 -3.59
CA LYS C 268 37.29 5.25 -3.92
C LYS C 268 38.16 4.77 -2.79
N SER C 269 38.99 5.65 -2.28
CA SER C 269 39.67 5.28 -1.04
CA SER C 269 39.67 5.39 -0.92
C SER C 269 38.91 5.10 0.36
N VAL C 270 37.74 5.70 0.49
CA VAL C 270 36.89 5.43 1.61
C VAL C 270 36.28 4.03 1.39
N TRP C 271 35.90 3.79 0.15
CA TRP C 271 35.28 2.54 -0.21
C TRP C 271 36.19 1.36 0.01
N ASP C 272 37.43 1.44 -0.42
CA ASP C 272 38.34 0.36 -0.27
C ASP C 272 38.57 0.05 1.18
N TYR C 273 38.71 1.05 2.01
CA TYR C 273 38.89 0.83 3.40
C TYR C 273 37.69 0.15 4.02
N LEU C 274 36.50 0.62 3.70
CA LEU C 274 35.29 0.07 4.26
C LEU C 274 35.03 -1.37 3.81
N VAL C 275 35.38 -1.69 2.60
CA VAL C 275 35.19 -3.01 2.09
C VAL C 275 36.08 -3.97 2.86
N LYS C 276 37.36 -3.69 2.93
CA LYS C 276 38.30 -4.50 3.67
C LYS C 276 37.88 -4.84 5.08
N LYS D 1 -28.24 39.80 18.10
CA LYS D 1 -29.54 39.16 18.16
C LYS D 1 -30.11 38.99 16.79
N GLY D 2 -30.77 37.87 16.51
CA GLY D 2 -31.39 37.65 15.22
C GLY D 2 -30.34 37.55 14.14
N THR D 3 -30.43 38.40 13.14
CA THR D 3 -29.46 38.37 12.07
C THR D 3 -28.06 38.67 12.57
N ASP D 4 -27.95 39.59 13.53
CA ASP D 4 -26.65 40.00 14.07
C ASP D 4 -25.95 38.85 14.71
N SER D 5 -26.69 38.03 15.42
CA SER D 5 -26.11 36.90 16.05
C SER D 5 -25.56 35.92 15.04
N LEU D 6 -26.27 35.73 13.96
CA LEU D 6 -25.82 34.82 12.94
C LEU D 6 -24.57 35.36 12.31
N LYS D 7 -24.57 36.64 12.00
CA LYS D 7 -23.43 37.28 11.38
C LYS D 7 -22.22 37.21 12.27
N SER D 8 -22.40 37.44 13.55
CA SER D 8 -21.31 37.39 14.47
C SER D 8 -20.74 36.01 14.54
N SER D 9 -21.58 35.02 14.50
CA SER D 9 -21.15 33.65 14.54
C SER D 9 -20.36 33.26 13.30
N ILE D 10 -20.81 33.71 12.16
CA ILE D 10 -20.10 33.43 10.95
C ILE D 10 -18.73 34.08 10.97
N GLU D 11 -18.65 35.29 11.47
CA GLU D 11 -17.40 36.00 11.56
C GLU D 11 -16.43 35.32 12.46
N LYS D 12 -16.92 34.78 13.54
CA LYS D 12 -15.99 34.13 14.42
C LYS D 12 -15.57 32.81 13.86
N TYR D 13 -16.37 32.14 13.05
CA TYR D 13 -15.96 30.93 12.36
C TYR D 13 -14.83 31.22 11.39
N LEU D 14 -14.85 32.40 10.82
CA LEU D 14 -13.87 32.81 9.83
C LEU D 14 -12.57 33.37 10.36
N LYS D 15 -12.49 33.60 11.66
CA LYS D 15 -11.32 34.23 12.23
C LYS D 15 -10.03 33.48 12.04
N ASP D 16 -10.04 32.19 12.22
CA ASP D 16 -8.85 31.43 12.04
C ASP D 16 -8.70 30.86 10.64
N LYS D 17 -9.51 31.30 9.69
CA LYS D 17 -9.43 30.76 8.36
C LYS D 17 -8.54 31.62 7.50
N LYS D 18 -7.56 31.03 6.86
CA LYS D 18 -6.62 31.77 6.03
C LYS D 18 -7.13 32.08 4.63
N ALA D 19 -8.17 32.86 4.52
CA ALA D 19 -8.76 33.24 3.26
C ALA D 19 -9.64 34.45 3.40
N LYS D 20 -10.00 35.06 2.31
CA LYS D 20 -10.89 36.17 2.31
C LYS D 20 -12.22 35.60 1.86
N VAL D 21 -13.16 35.44 2.77
CA VAL D 21 -14.42 34.85 2.47
C VAL D 21 -15.56 35.82 2.42
N GLY D 22 -16.30 35.83 1.33
CA GLY D 22 -17.44 36.69 1.16
C GLY D 22 -18.74 35.92 1.19
N VAL D 23 -19.72 36.44 1.91
CA VAL D 23 -21.01 35.82 2.03
C VAL D 23 -22.17 36.77 1.85
N ALA D 24 -23.19 36.35 1.13
CA ALA D 24 -24.40 37.13 0.99
C ALA D 24 -25.62 36.23 0.99
N VAL D 25 -26.68 36.65 1.66
CA VAL D 25 -27.90 35.89 1.71
C VAL D 25 -29.12 36.77 1.54
N LEU D 26 -30.04 36.33 0.70
CA LEU D 26 -31.30 37.01 0.51
C LEU D 26 -32.45 36.04 0.53
N GLY D 27 -33.43 36.32 1.34
CA GLY D 27 -34.61 35.52 1.32
C GLY D 27 -35.35 35.79 0.03
N ILE D 28 -35.89 34.76 -0.57
CA ILE D 28 -36.67 34.96 -1.75
C ILE D 28 -38.04 35.55 -1.53
N GLU D 29 -38.76 34.99 -0.58
N GLU D 29 -38.76 34.98 -0.59
CA GLU D 29 -40.09 35.44 -0.35
CA GLU D 29 -40.09 35.43 -0.34
C GLU D 29 -40.30 36.31 0.88
C GLU D 29 -40.29 36.29 0.88
N ASP D 30 -39.18 36.64 1.51
CA ASP D 30 -39.19 37.47 2.70
C ASP D 30 -38.10 38.54 2.79
N ASN D 31 -38.06 39.20 3.91
CA ASN D 31 -37.11 40.29 4.07
C ASN D 31 -35.72 39.96 4.57
N PHE D 32 -35.41 38.71 4.81
CA PHE D 32 -34.09 38.37 5.29
C PHE D 32 -32.93 38.77 4.44
N LYS D 33 -31.94 39.38 5.05
CA LYS D 33 -30.75 39.78 4.38
C LYS D 33 -29.53 39.68 5.26
N LEU D 34 -28.47 39.09 4.74
CA LEU D 34 -27.22 38.91 5.46
C LEU D 34 -26.03 39.18 4.58
N ASN D 35 -25.03 39.84 5.13
CA ASN D 35 -23.83 40.14 4.41
C ASN D 35 -22.61 40.04 5.24
N VAL D 36 -21.60 39.36 4.76
CA VAL D 36 -20.34 39.31 5.45
C VAL D 36 -19.24 39.63 4.45
N ASN D 37 -18.42 40.61 4.76
CA ASN D 37 -17.33 41.05 3.90
C ASN D 37 -17.80 41.41 2.49
N GLU D 38 -18.88 42.19 2.39
CA GLU D 38 -19.45 42.57 1.10
C GLU D 38 -18.67 43.46 0.19
N LYS D 39 -17.93 44.39 0.74
CA LYS D 39 -17.26 45.36 -0.10
C LYS D 39 -16.20 44.84 -1.01
N HIS D 40 -15.56 43.77 -0.64
CA HIS D 40 -14.54 43.16 -1.43
C HIS D 40 -14.97 42.63 -2.80
N HIS D 41 -14.05 42.62 -3.74
CA HIS D 41 -14.26 42.11 -5.05
C HIS D 41 -13.71 40.70 -5.08
N TYR D 42 -14.57 39.72 -5.29
CA TYR D 42 -14.17 38.33 -5.31
C TYR D 42 -14.14 37.78 -6.72
N PRO D 43 -13.14 37.01 -7.08
CA PRO D 43 -13.10 36.42 -8.41
C PRO D 43 -14.15 35.33 -8.55
N MET D 44 -14.94 35.44 -9.58
CA MET D 44 -16.00 34.53 -9.90
C MET D 44 -15.72 33.09 -10.35
N GLN D 45 -14.72 32.93 -11.20
CA GLN D 45 -14.40 31.68 -11.90
C GLN D 45 -15.62 31.20 -12.71
N SER D 46 -15.98 29.93 -12.59
CA SER D 46 -17.09 29.30 -13.33
C SER D 46 -18.47 29.76 -12.94
N THR D 47 -18.57 30.50 -11.85
CA THR D 47 -19.83 31.02 -11.39
C THR D 47 -20.41 31.97 -12.40
N TYR D 48 -19.52 32.59 -13.14
CA TYR D 48 -19.97 33.50 -14.24
CA TYR D 48 -19.97 33.46 -14.19
C TYR D 48 -20.79 32.88 -15.45
N LYS D 49 -20.72 31.54 -15.43
CA LYS D 49 -21.47 30.80 -16.40
C LYS D 49 -22.98 30.99 -16.20
N PHE D 50 -23.40 31.31 -14.98
CA PHE D 50 -24.79 31.60 -14.71
C PHE D 50 -25.21 32.89 -15.40
N HIS D 51 -24.39 33.90 -15.28
CA HIS D 51 -24.64 35.18 -15.90
C HIS D 51 -24.64 35.04 -17.40
N LEU D 52 -23.71 34.27 -17.91
CA LEU D 52 -23.61 34.05 -19.32
C LEU D 52 -24.86 33.36 -19.85
N ALA D 53 -25.38 32.42 -19.09
CA ALA D 53 -26.57 31.70 -19.44
C ALA D 53 -27.76 32.60 -19.53
N LEU D 54 -27.86 33.55 -18.61
CA LEU D 54 -28.94 34.50 -18.60
C LEU D 54 -28.91 35.30 -19.88
N ALA D 55 -27.73 35.70 -20.28
CA ALA D 55 -27.58 36.45 -21.48
C ALA D 55 -27.98 35.69 -22.74
N VAL D 56 -27.57 34.44 -22.87
CA VAL D 56 -27.99 33.69 -24.03
C VAL D 56 -29.48 33.43 -24.09
N LEU D 57 -30.07 33.07 -22.97
CA LEU D 57 -31.47 32.82 -22.94
C LEU D 57 -32.25 34.09 -23.24
N ASP D 58 -31.78 35.20 -22.73
CA ASP D 58 -32.42 36.47 -22.96
C ASP D 58 -32.38 36.80 -24.45
N LYS D 59 -31.27 36.53 -25.11
CA LYS D 59 -31.15 36.75 -26.50
C LYS D 59 -32.11 35.87 -27.26
N LEU D 60 -32.24 34.62 -26.86
CA LEU D 60 -33.15 33.72 -27.49
C LEU D 60 -34.57 34.20 -27.35
N ASP D 61 -34.93 34.68 -26.18
CA ASP D 61 -36.25 35.18 -25.92
C ASP D 61 -36.55 36.40 -26.78
N LYS D 62 -35.65 37.35 -26.82
CA LYS D 62 -35.83 38.56 -27.59
C LYS D 62 -35.93 38.37 -29.08
N GLU D 63 -35.10 37.50 -29.63
CA GLU D 63 -35.05 37.21 -31.03
C GLU D 63 -35.96 36.08 -31.45
N ASN D 64 -36.70 35.52 -30.51
CA ASN D 64 -37.57 34.41 -30.78
C ASN D 64 -36.88 33.23 -31.44
N ILE D 65 -35.75 32.84 -30.88
CA ILE D 65 -34.97 31.72 -31.36
C ILE D 65 -35.13 30.52 -30.44
N SER D 66 -35.34 29.38 -31.02
CA SER D 66 -35.53 28.22 -30.24
C SER D 66 -34.27 27.75 -29.58
N ILE D 67 -34.45 27.14 -28.44
CA ILE D 67 -33.37 26.56 -27.70
C ILE D 67 -32.78 25.36 -28.45
N ASP D 68 -33.56 24.79 -29.35
CA ASP D 68 -33.13 23.68 -30.14
C ASP D 68 -32.35 24.07 -31.37
N LYS D 69 -32.19 25.35 -31.61
CA LYS D 69 -31.44 25.80 -32.75
C LYS D 69 -30.03 25.30 -32.64
N LYS D 70 -29.53 24.77 -33.73
CA LYS D 70 -28.20 24.23 -33.79
C LYS D 70 -27.17 25.21 -34.28
N LEU D 71 -25.99 25.17 -33.68
CA LEU D 71 -24.87 25.99 -34.05
C LEU D 71 -23.68 25.14 -34.45
N PHE D 72 -23.01 25.50 -35.54
CA PHE D 72 -21.87 24.76 -35.99
C PHE D 72 -20.66 25.23 -35.19
N VAL D 73 -19.99 24.30 -34.56
CA VAL D 73 -18.84 24.57 -33.76
C VAL D 73 -17.61 24.01 -34.42
N LYS D 74 -16.66 24.86 -34.71
CA LYS D 74 -15.46 24.41 -35.33
C LYS D 74 -14.56 23.63 -34.40
N LYS D 75 -13.72 22.82 -35.01
CA LYS D 75 -12.75 21.98 -34.34
C LYS D 75 -11.79 22.83 -33.58
N SER D 76 -11.44 23.97 -34.14
CA SER D 76 -10.55 24.90 -33.51
C SER D 76 -11.10 25.45 -32.20
N GLU D 77 -12.40 25.52 -32.10
CA GLU D 77 -13.10 25.96 -30.93
C GLU D 77 -13.07 25.05 -29.74
N LEU D 78 -12.96 23.75 -29.95
CA LEU D 78 -12.91 22.81 -28.86
C LEU D 78 -11.50 22.63 -28.39
N LEU D 79 -11.04 23.58 -27.60
CA LEU D 79 -9.70 23.57 -27.11
C LEU D 79 -9.37 22.41 -26.22
N PRO D 80 -8.17 21.95 -26.40
CA PRO D 80 -7.57 20.90 -25.58
C PRO D 80 -7.03 21.49 -24.30
N ASN D 81 -6.66 20.62 -23.37
CA ASN D 81 -6.09 20.98 -22.10
C ASN D 81 -6.94 21.94 -21.28
N THR D 82 -8.24 21.70 -21.31
CA THR D 82 -9.20 22.47 -20.58
C THR D 82 -10.41 21.60 -20.26
N TRP D 83 -11.11 21.88 -19.19
CA TRP D 83 -12.23 21.06 -18.84
C TRP D 83 -13.34 21.26 -19.87
N SER D 84 -13.62 20.22 -20.62
CA SER D 84 -14.63 20.28 -21.61
C SER D 84 -15.23 18.95 -21.92
N PRO D 85 -16.39 18.66 -21.39
CA PRO D 85 -17.07 17.42 -21.73
C PRO D 85 -17.44 17.39 -23.20
N LEU D 86 -17.68 18.56 -23.77
CA LEU D 86 -18.01 18.67 -25.16
C LEU D 86 -16.87 18.22 -26.03
N ARG D 87 -15.66 18.63 -25.72
CA ARG D 87 -14.50 18.23 -26.49
C ARG D 87 -14.31 16.76 -26.41
N ASP D 88 -14.53 16.21 -25.24
CA ASP D 88 -14.36 14.80 -25.04
C ASP D 88 -15.33 14.02 -25.87
N LYS D 89 -16.54 14.49 -25.93
CA LYS D 89 -17.59 13.89 -26.70
C LYS D 89 -17.43 13.98 -28.23
N TYR D 90 -16.91 15.10 -28.68
CA TYR D 90 -16.74 15.39 -30.08
C TYR D 90 -15.34 15.89 -30.32
N PRO D 91 -14.37 15.00 -30.27
CA PRO D 91 -12.98 15.35 -30.42
C PRO D 91 -12.60 15.98 -31.74
N ASP D 92 -13.28 15.60 -32.79
CA ASP D 92 -12.99 16.15 -34.08
C ASP D 92 -13.71 17.43 -34.36
N GLY D 93 -14.60 17.83 -33.49
CA GLY D 93 -15.31 19.07 -33.67
C GLY D 93 -16.08 19.09 -34.96
N ASN D 94 -16.21 20.26 -35.57
CA ASN D 94 -16.91 20.43 -36.82
C ASN D 94 -18.29 19.79 -36.77
N VAL D 95 -19.04 20.12 -35.75
CA VAL D 95 -20.33 19.52 -35.53
C VAL D 95 -21.41 20.52 -35.19
N ASP D 96 -22.64 20.20 -35.52
CA ASP D 96 -23.73 21.07 -35.23
C ASP D 96 -24.37 20.68 -33.92
N LEU D 97 -24.33 21.58 -32.98
CA LEU D 97 -24.86 21.34 -31.67
C LEU D 97 -25.93 22.31 -31.27
N SER D 98 -26.96 21.78 -30.69
CA SER D 98 -28.02 22.59 -30.23
C SER D 98 -27.54 23.44 -29.09
N ILE D 99 -28.15 24.60 -28.97
CA ILE D 99 -27.84 25.54 -27.93
C ILE D 99 -28.17 24.92 -26.57
N SER D 100 -29.21 24.13 -26.55
CA SER D 100 -29.59 23.47 -25.37
C SER D 100 -28.49 22.53 -24.90
N GLU D 101 -27.93 21.73 -25.78
CA GLU D 101 -26.85 20.86 -25.40
C GLU D 101 -25.63 21.67 -24.97
N ILE D 102 -25.30 22.75 -25.65
CA ILE D 102 -24.18 23.57 -25.26
C ILE D 102 -24.42 24.17 -23.89
N LEU D 103 -25.62 24.64 -23.65
CA LEU D 103 -25.97 25.23 -22.39
C LEU D 103 -25.90 24.24 -21.23
N LYS D 104 -26.36 23.02 -21.43
CA LYS D 104 -26.34 22.01 -20.42
C LYS D 104 -24.92 21.73 -20.01
N ALA D 105 -24.05 21.58 -20.98
CA ALA D 105 -22.68 21.33 -20.72
C ALA D 105 -22.04 22.47 -19.94
N THR D 106 -22.32 23.70 -20.34
CA THR D 106 -21.78 24.86 -19.68
C THR D 106 -22.28 25.12 -18.26
N VAL D 107 -23.58 25.18 -18.06
CA VAL D 107 -24.10 25.36 -16.75
C VAL D 107 -24.00 24.15 -15.82
N SER D 108 -24.49 23.01 -16.23
CA SER D 108 -24.41 21.80 -15.43
C SER D 108 -23.05 21.20 -15.20
N ARG D 109 -22.23 21.18 -16.21
CA ARG D 109 -20.92 20.58 -16.14
C ARG D 109 -19.69 21.46 -16.24
N SER D 110 -19.89 22.76 -16.23
CA SER D 110 -18.82 23.75 -16.26
C SER D 110 -17.92 23.72 -17.47
N ASP D 111 -18.45 23.35 -18.63
CA ASP D 111 -17.62 23.25 -19.78
C ASP D 111 -17.03 24.58 -20.17
N ASN D 112 -15.72 24.64 -20.23
CA ASN D 112 -15.00 25.83 -20.67
C ASN D 112 -15.15 26.18 -22.12
N ASN D 113 -15.09 25.18 -22.99
CA ASN D 113 -15.27 25.40 -24.40
C ASN D 113 -16.69 25.85 -24.66
N GLY D 114 -17.63 25.25 -23.96
CA GLY D 114 -19.01 25.60 -24.06
C GLY D 114 -19.25 27.03 -23.66
N CYS D 115 -18.57 27.50 -22.63
CA CYS D 115 -18.70 28.84 -22.18
C CYS D 115 -18.22 29.83 -23.25
N ASP D 116 -17.08 29.55 -23.85
CA ASP D 116 -16.58 30.40 -24.90
C ASP D 116 -17.43 30.43 -26.16
N ILE D 117 -18.03 29.32 -26.52
CA ILE D 117 -18.89 29.25 -27.67
C ILE D 117 -20.11 30.15 -27.47
N LEU D 118 -20.69 30.10 -26.29
CA LEU D 118 -21.80 30.93 -25.90
C LEU D 118 -21.44 32.42 -25.84
N PHE D 119 -20.22 32.75 -25.42
CA PHE D 119 -19.75 34.12 -25.39
C PHE D 119 -19.73 34.64 -26.82
N ARG D 120 -19.30 33.82 -27.75
CA ARG D 120 -19.29 34.18 -29.13
C ARG D 120 -20.70 34.43 -29.59
N PHE D 121 -21.62 33.60 -29.17
CA PHE D 121 -23.00 33.73 -29.56
C PHE D 121 -23.66 35.02 -29.09
N VAL D 122 -23.41 35.45 -27.87
CA VAL D 122 -23.98 36.67 -27.37
C VAL D 122 -23.22 37.91 -27.77
N GLY D 123 -22.10 37.74 -28.43
CA GLY D 123 -21.32 38.86 -28.84
C GLY D 123 -20.14 39.26 -28.01
N GLY D 124 -19.75 38.45 -27.06
CA GLY D 124 -18.59 38.75 -26.25
C GLY D 124 -18.86 39.09 -24.82
N THR D 125 -17.78 39.18 -24.05
CA THR D 125 -17.85 39.45 -22.64
C THR D 125 -18.46 40.79 -22.29
N ASN D 126 -18.19 41.80 -23.09
CA ASN D 126 -18.78 43.08 -22.84
C ASN D 126 -20.28 43.07 -22.96
N LYS D 127 -20.82 42.31 -23.90
CA LYS D 127 -22.26 42.24 -24.06
C LYS D 127 -22.87 41.64 -22.84
N VAL D 128 -22.26 40.61 -22.30
CA VAL D 128 -22.78 40.02 -21.11
C VAL D 128 -22.72 40.99 -19.95
N HIS D 129 -21.61 41.71 -19.86
CA HIS D 129 -21.42 42.67 -18.82
C HIS D 129 -22.47 43.77 -18.87
N ASN D 130 -22.75 44.23 -20.07
CA ASN D 130 -23.75 45.23 -20.24
C ASN D 130 -25.12 44.72 -19.89
N PHE D 131 -25.41 43.48 -20.26
CA PHE D 131 -26.71 42.93 -20.01
C PHE D 131 -27.03 42.86 -18.54
N ILE D 132 -26.07 42.46 -17.74
CA ILE D 132 -26.22 42.36 -16.33
C ILE D 132 -26.41 43.72 -15.67
N SER D 133 -25.59 44.67 -16.06
CA SER D 133 -25.63 46.01 -15.52
C SER D 133 -26.97 46.65 -15.82
N LYS D 134 -27.44 46.44 -17.04
CA LYS D 134 -28.70 47.00 -17.49
C LYS D 134 -29.91 46.39 -16.80
N LEU D 135 -29.67 45.30 -16.09
CA LEU D 135 -30.69 44.68 -15.29
C LEU D 135 -30.83 45.36 -13.93
N GLY D 136 -30.01 46.35 -13.69
CA GLY D 136 -30.07 47.01 -12.41
C GLY D 136 -29.19 46.39 -11.36
N VAL D 137 -28.26 45.54 -11.76
CA VAL D 137 -27.36 44.95 -10.77
C VAL D 137 -25.98 45.47 -11.00
N LYS D 138 -25.45 46.15 -10.02
CA LYS D 138 -24.10 46.66 -10.15
C LYS D 138 -23.09 45.76 -9.50
N ASN D 139 -21.86 46.22 -9.55
CA ASN D 139 -20.74 45.51 -8.97
C ASN D 139 -20.43 44.11 -9.45
N ILE D 140 -20.61 43.90 -10.73
CA ILE D 140 -20.26 42.66 -11.36
C ILE D 140 -19.43 43.02 -12.54
N SER D 141 -18.26 42.45 -12.67
CA SER D 141 -17.39 42.72 -13.77
C SER D 141 -17.10 41.48 -14.59
N ILE D 142 -17.39 41.52 -15.87
CA ILE D 142 -17.13 40.40 -16.75
C ILE D 142 -16.26 40.82 -17.91
N LYS D 143 -14.98 40.50 -17.84
CA LYS D 143 -14.03 40.87 -18.86
C LYS D 143 -13.29 39.78 -19.61
N ALA D 144 -13.33 38.57 -19.12
CA ALA D 144 -12.57 37.53 -19.75
C ALA D 144 -13.24 36.19 -19.98
N THR D 145 -12.90 35.60 -21.10
CA THR D 145 -13.34 34.29 -21.47
C THR D 145 -12.55 33.20 -20.75
N GLU D 146 -12.97 31.97 -20.89
CA GLU D 146 -12.25 30.88 -20.30
C GLU D 146 -10.88 30.74 -20.94
N GLU D 147 -10.80 30.96 -22.22
CA GLU D 147 -9.54 30.84 -22.90
C GLU D 147 -8.54 31.83 -22.38
N GLU D 148 -9.00 33.06 -22.20
CA GLU D 148 -8.19 34.14 -21.71
C GLU D 148 -7.72 33.89 -20.30
N MET D 149 -8.60 33.34 -19.49
CA MET D 149 -8.39 33.00 -18.10
C MET D 149 -7.36 31.92 -17.90
N HIS D 150 -7.13 31.12 -18.92
CA HIS D 150 -6.22 30.01 -18.86
C HIS D 150 -4.79 30.39 -19.15
N LYS D 151 -4.50 31.66 -19.23
CA LYS D 151 -3.15 32.07 -19.47
C LYS D 151 -2.55 32.60 -18.20
N ALA D 152 -2.35 33.89 -18.12
CA ALA D 152 -1.79 34.47 -16.95
C ALA D 152 -2.68 34.27 -15.75
N TRP D 153 -2.06 34.13 -14.62
CA TRP D 153 -2.70 33.94 -13.35
C TRP D 153 -3.58 35.10 -12.97
N ASN D 154 -3.16 36.30 -13.30
N ASN D 154 -3.14 36.30 -13.28
CA ASN D 154 -3.91 37.47 -12.94
CA ASN D 154 -3.89 37.48 -12.95
C ASN D 154 -5.26 37.65 -13.64
C ASN D 154 -5.25 37.68 -13.65
N VAL D 155 -5.43 37.03 -14.79
CA VAL D 155 -6.64 37.20 -15.56
C VAL D 155 -7.94 36.89 -14.90
N GLN D 156 -7.99 35.87 -14.08
CA GLN D 156 -9.18 35.44 -13.38
C GLN D 156 -9.71 36.55 -12.47
N TYR D 157 -8.85 37.38 -11.96
CA TYR D 157 -9.25 38.47 -11.09
C TYR D 157 -10.10 39.54 -11.79
N THR D 158 -9.98 39.64 -13.11
CA THR D 158 -10.76 40.57 -13.89
C THR D 158 -12.24 40.22 -13.93
N ASN D 159 -12.61 38.98 -13.68
CA ASN D 159 -13.99 38.62 -13.63
C ASN D 159 -14.31 38.65 -12.17
N TRP D 160 -14.92 39.72 -11.68
CA TRP D 160 -15.18 39.86 -10.28
C TRP D 160 -16.59 40.28 -9.86
N THR D 161 -16.91 40.05 -8.61
CA THR D 161 -18.17 40.39 -8.06
C THR D 161 -18.18 40.58 -6.57
N THR D 162 -19.13 41.36 -6.11
CA THR D 162 -19.42 41.46 -4.71
C THR D 162 -20.47 40.36 -4.42
N PRO D 163 -20.48 39.85 -3.21
CA PRO D 163 -21.43 38.80 -2.86
C PRO D 163 -22.88 39.21 -2.93
N ASP D 164 -23.20 40.41 -2.50
CA ASP D 164 -24.56 40.89 -2.54
C ASP D 164 -25.10 41.03 -3.94
N ALA D 165 -24.26 41.38 -4.89
CA ALA D 165 -24.68 41.51 -6.25
C ALA D 165 -25.16 40.16 -6.81
N THR D 166 -24.47 39.09 -6.48
CA THR D 166 -24.80 37.78 -6.94
C THR D 166 -26.17 37.39 -6.42
N VAL D 167 -26.36 37.62 -5.15
CA VAL D 167 -27.57 37.30 -4.47
C VAL D 167 -28.74 38.11 -5.02
N GLN D 168 -28.51 39.35 -5.38
CA GLN D 168 -29.52 40.17 -5.96
C GLN D 168 -29.90 39.60 -7.32
N LEU D 169 -28.90 39.22 -8.09
CA LEU D 169 -29.13 38.64 -9.38
C LEU D 169 -29.87 37.33 -9.28
N LEU D 170 -29.52 36.51 -8.31
CA LEU D 170 -30.15 35.23 -8.12
C LEU D 170 -31.62 35.34 -7.81
N LYS D 171 -31.97 36.29 -6.96
CA LYS D 171 -33.32 36.52 -6.57
C LYS D 171 -34.18 36.96 -7.72
N LYS D 172 -33.68 37.86 -8.53
CA LYS D 172 -34.43 38.32 -9.65
C LYS D 172 -34.73 37.17 -10.57
N PHE D 173 -33.72 36.34 -10.81
CA PHE D 173 -33.86 35.17 -11.67
C PHE D 173 -34.84 34.18 -11.10
N TYR D 174 -34.73 33.89 -9.82
CA TYR D 174 -35.57 32.90 -9.17
C TYR D 174 -37.02 33.26 -9.19
N LYS D 175 -37.28 34.56 -9.13
CA LYS D 175 -38.61 35.09 -9.17
C LYS D 175 -39.12 35.28 -10.57
N ASN D 176 -38.34 34.82 -11.54
CA ASN D 176 -38.65 34.94 -12.94
C ASN D 176 -38.90 36.35 -13.43
N GLU D 177 -38.02 37.25 -13.11
CA GLU D 177 -38.12 38.63 -13.54
C GLU D 177 -37.24 38.96 -14.73
N ILE D 178 -36.44 38.02 -15.15
CA ILE D 178 -35.54 38.22 -16.26
C ILE D 178 -35.87 37.62 -17.58
N LEU D 179 -36.33 36.40 -17.58
CA LEU D 179 -36.56 35.70 -18.80
C LEU D 179 -37.95 35.23 -19.00
N SER D 180 -38.15 34.55 -20.11
CA SER D 180 -39.40 33.93 -20.42
C SER D 180 -39.59 32.72 -19.51
N LYS D 181 -40.82 32.27 -19.37
CA LYS D 181 -40.93 31.17 -18.48
C LYS D 181 -40.32 29.86 -18.99
N ASN D 182 -40.33 29.62 -20.29
CA ASN D 182 -39.65 28.48 -20.78
C ASN D 182 -38.18 28.50 -20.49
N SER D 183 -37.56 29.63 -20.70
CA SER D 183 -36.17 29.79 -20.45
C SER D 183 -35.86 29.65 -18.99
N TYR D 184 -36.69 30.25 -18.17
CA TYR D 184 -36.52 30.23 -16.74
C TYR D 184 -36.56 28.82 -16.25
N ASP D 185 -37.54 28.06 -16.69
CA ASP D 185 -37.68 26.70 -16.29
C ASP D 185 -36.46 25.92 -16.69
N TYR D 186 -35.95 26.14 -17.89
CA TYR D 186 -34.80 25.39 -18.33
C TYR D 186 -33.51 25.61 -17.56
N LEU D 187 -33.17 26.86 -17.33
CA LEU D 187 -31.99 27.18 -16.61
C LEU D 187 -32.03 26.67 -15.18
N LEU D 188 -33.18 26.78 -14.56
CA LEU D 188 -33.37 26.31 -13.23
C LEU D 188 -33.15 24.82 -13.20
N ASN D 189 -33.67 24.11 -14.16
CA ASN D 189 -33.47 22.69 -14.20
C ASN D 189 -32.02 22.29 -14.34
N THR D 190 -31.28 22.98 -15.17
CA THR D 190 -29.89 22.68 -15.30
C THR D 190 -29.12 22.90 -14.01
N MET D 191 -29.46 23.94 -13.27
CA MET D 191 -28.84 24.25 -12.00
C MET D 191 -29.11 23.20 -10.93
N ILE D 192 -30.29 22.64 -10.95
CA ILE D 192 -30.67 21.54 -10.09
C ILE D 192 -30.07 20.19 -10.45
N GLU D 193 -30.02 19.90 -11.73
N GLU D 193 -30.06 19.89 -11.74
CA GLU D 193 -29.52 18.66 -12.28
CA GLU D 193 -29.55 18.61 -12.24
C GLU D 193 -28.05 18.41 -12.03
C GLU D 193 -28.04 18.39 -12.06
N THR D 194 -27.29 19.46 -11.84
CA THR D 194 -25.87 19.34 -11.68
C THR D 194 -25.43 18.47 -10.52
N THR D 195 -24.32 17.81 -10.72
CA THR D 195 -23.71 16.99 -9.71
C THR D 195 -22.44 17.61 -9.14
N THR D 196 -22.12 18.82 -9.54
CA THR D 196 -20.96 19.53 -9.06
C THR D 196 -21.11 20.01 -7.63
N GLY D 197 -20.00 20.23 -6.97
CA GLY D 197 -20.01 20.77 -5.65
C GLY D 197 -20.85 20.15 -4.57
N PRO D 198 -20.89 18.82 -4.46
CA PRO D 198 -21.69 18.15 -3.45
C PRO D 198 -21.26 18.45 -2.03
N LYS D 199 -20.04 18.88 -1.86
CA LYS D 199 -19.54 19.21 -0.56
C LYS D 199 -19.51 20.69 -0.29
N ARG D 200 -20.22 21.48 -1.05
CA ARG D 200 -20.19 22.92 -0.83
C ARG D 200 -21.45 23.43 -0.18
N LEU D 201 -22.32 24.08 -0.92
CA LEU D 201 -23.54 24.59 -0.35
C LEU D 201 -24.36 23.44 0.20
N LYS D 202 -24.35 22.32 -0.48
CA LYS D 202 -25.08 21.14 -0.12
C LYS D 202 -24.44 20.18 0.85
N GLY D 203 -23.22 20.40 1.26
CA GLY D 203 -22.54 19.40 2.03
C GLY D 203 -23.15 18.96 3.33
N LEU D 204 -23.61 19.89 4.12
CA LEU D 204 -24.19 19.55 5.39
C LEU D 204 -25.71 19.68 5.44
N LEU D 205 -26.31 19.97 4.32
CA LEU D 205 -27.72 20.07 4.29
C LEU D 205 -28.36 18.71 4.31
N PRO D 206 -29.61 18.68 4.70
CA PRO D 206 -30.35 17.44 4.78
C PRO D 206 -30.50 16.80 3.44
N ASP D 207 -30.53 15.48 3.41
CA ASP D 207 -30.66 14.80 2.15
C ASP D 207 -32.02 15.14 1.60
N GLY D 208 -32.08 15.28 0.30
CA GLY D 208 -33.32 15.65 -0.33
C GLY D 208 -33.63 17.13 -0.40
N THR D 209 -32.69 17.96 -0.01
CA THR D 209 -32.88 19.38 -0.07
C THR D 209 -32.63 19.81 -1.49
N VAL D 210 -33.54 20.56 -2.07
CA VAL D 210 -33.36 21.01 -3.42
C VAL D 210 -32.46 22.22 -3.47
N VAL D 211 -31.37 22.11 -4.20
CA VAL D 211 -30.45 23.19 -4.36
C VAL D 211 -30.14 23.46 -5.81
N ALA D 212 -30.47 24.63 -6.29
CA ALA D 212 -30.14 25.00 -7.63
C ALA D 212 -28.90 25.85 -7.48
N HIS D 213 -27.82 25.46 -8.10
CA HIS D 213 -26.56 26.14 -7.89
C HIS D 213 -25.56 26.09 -9.00
N LYS D 214 -24.53 26.88 -8.85
CA LYS D 214 -23.43 26.94 -9.75
C LYS D 214 -22.13 27.10 -9.00
N THR D 215 -21.17 26.27 -9.31
CA THR D 215 -19.88 26.31 -8.68
C THR D 215 -18.84 27.04 -9.46
N GLY D 216 -17.78 27.38 -8.76
CA GLY D 216 -16.63 28.02 -9.34
C GLY D 216 -15.41 27.55 -8.62
N SER D 217 -14.38 27.25 -9.35
CA SER D 217 -13.12 26.78 -8.80
C SER D 217 -11.90 27.32 -9.54
N SER D 218 -10.75 27.25 -8.92
CA SER D 218 -9.51 27.73 -9.50
C SER D 218 -8.34 26.87 -9.18
N ASP D 219 -7.22 27.18 -9.81
CA ASP D 219 -5.96 26.54 -9.55
C ASP D 219 -5.32 27.10 -8.29
N THR D 220 -4.30 26.43 -7.84
CA THR D 220 -3.55 26.82 -6.69
C THR D 220 -2.17 27.21 -7.19
N ASN D 221 -1.74 28.38 -6.82
CA ASN D 221 -0.44 28.88 -7.23
C ASN D 221 0.69 28.28 -6.44
N ASP D 222 1.91 28.62 -6.80
CA ASP D 222 3.07 28.05 -6.15
C ASP D 222 3.38 28.58 -4.78
N LYS D 223 2.62 29.56 -4.39
CA LYS D 223 2.72 30.07 -3.05
C LYS D 223 1.63 29.47 -2.16
N GLY D 224 0.95 28.48 -2.68
CA GLY D 224 -0.12 27.80 -2.01
C GLY D 224 -1.43 28.53 -1.97
N ILE D 225 -1.64 29.50 -2.84
CA ILE D 225 -2.87 30.24 -2.81
C ILE D 225 -3.89 29.76 -3.81
N THR D 226 -5.04 29.37 -3.32
CA THR D 226 -6.11 28.97 -4.18
C THR D 226 -6.95 30.24 -4.35
N ALA D 227 -6.98 30.76 -5.57
CA ALA D 227 -7.65 32.01 -5.84
C ALA D 227 -9.14 32.05 -5.58
N ALA D 228 -9.87 31.05 -5.99
CA ALA D 228 -11.27 31.00 -5.75
C ALA D 228 -11.86 29.63 -5.56
N THR D 229 -12.69 29.49 -4.56
CA THR D 229 -13.46 28.29 -4.32
C THR D 229 -14.86 28.78 -3.97
N ASN D 230 -15.76 28.74 -4.93
CA ASN D 230 -17.09 29.29 -4.76
C ASN D 230 -18.27 28.39 -5.05
N ASP D 231 -19.42 28.72 -4.49
CA ASP D 231 -20.71 28.08 -4.76
C ASP D 231 -21.80 29.11 -4.55
N ILE D 232 -22.66 29.31 -5.54
CA ILE D 232 -23.77 30.24 -5.43
C ILE D 232 -25.06 29.55 -5.85
N GLY D 233 -26.16 29.89 -5.23
CA GLY D 233 -27.42 29.27 -5.54
C GLY D 233 -28.67 29.59 -4.76
N ILE D 234 -29.73 28.87 -5.04
CA ILE D 234 -31.01 29.02 -4.38
C ILE D 234 -31.34 27.75 -3.66
N ILE D 235 -31.65 27.86 -2.39
CA ILE D 235 -31.92 26.72 -1.55
C ILE D 235 -33.34 26.64 -1.03
N THR D 236 -33.88 25.46 -0.98
CA THR D 236 -35.24 25.27 -0.54
C THR D 236 -35.33 24.80 0.89
N LEU D 237 -35.99 25.60 1.71
CA LEU D 237 -36.19 25.30 3.09
C LEU D 237 -37.24 24.23 3.28
N PRO D 238 -37.29 23.66 4.45
CA PRO D 238 -38.22 22.59 4.79
C PRO D 238 -39.66 23.02 4.63
N ASN D 239 -39.93 24.28 4.84
CA ASN D 239 -41.26 24.77 4.71
C ASN D 239 -41.67 25.06 3.28
N GLY D 240 -40.77 24.88 2.34
CA GLY D 240 -41.06 25.15 0.96
C GLY D 240 -40.64 26.49 0.45
N LYS D 241 -40.27 27.41 1.31
CA LYS D 241 -39.77 28.71 0.92
C LYS D 241 -38.28 28.62 0.52
N HIS D 242 -37.74 29.67 -0.05
CA HIS D 242 -36.39 29.71 -0.55
C HIS D 242 -35.52 30.87 -0.17
N PHE D 243 -34.22 30.66 -0.26
CA PHE D 243 -33.26 31.70 -0.04
C PHE D 243 -32.08 31.63 -0.99
N ALA D 244 -31.56 32.77 -1.36
CA ALA D 244 -30.42 32.86 -2.22
C ALA D 244 -29.21 33.12 -1.38
N ILE D 245 -28.14 32.41 -1.66
CA ILE D 245 -26.90 32.52 -0.95
C ILE D 245 -25.71 32.43 -1.91
N ALA D 246 -24.64 33.14 -1.62
CA ALA D 246 -23.43 33.10 -2.40
C ALA D 246 -22.28 33.12 -1.44
N VAL D 247 -21.33 32.24 -1.62
CA VAL D 247 -20.15 32.20 -0.79
C VAL D 247 -18.91 32.17 -1.65
N TYR D 248 -17.98 33.05 -1.40
CA TYR D 248 -16.74 33.08 -2.13
C TYR D 248 -15.58 32.91 -1.20
N VAL D 249 -14.80 31.87 -1.37
CA VAL D 249 -13.63 31.69 -0.56
C VAL D 249 -12.49 32.07 -1.46
N SER D 250 -11.92 33.23 -1.26
CA SER D 250 -10.87 33.70 -2.11
C SER D 250 -9.51 33.82 -1.48
N ASP D 251 -8.48 33.64 -2.31
CA ASP D 251 -7.10 33.77 -1.92
C ASP D 251 -6.78 33.01 -0.65
N SER D 252 -7.05 31.74 -0.71
CA SER D 252 -6.92 30.88 0.39
C SER D 252 -5.67 30.06 0.49
N SER D 253 -5.12 30.06 1.69
CA SER D 253 -3.99 29.23 2.00
C SER D 253 -4.43 27.86 2.48
N GLU D 254 -5.71 27.70 2.69
CA GLU D 254 -6.21 26.45 3.15
C GLU D 254 -6.25 25.38 2.10
N LYS D 255 -6.30 24.17 2.60
CA LYS D 255 -6.43 22.98 1.84
C LYS D 255 -7.78 23.01 1.15
N SER D 256 -7.87 22.28 0.07
CA SER D 256 -9.04 22.21 -0.73
C SER D 256 -10.24 21.70 0.06
N ASP D 257 -10.05 20.69 0.88
CA ASP D 257 -11.12 20.19 1.68
C ASP D 257 -11.60 21.24 2.66
N VAL D 258 -10.71 22.05 3.20
CA VAL D 258 -11.11 23.13 4.08
C VAL D 258 -11.91 24.22 3.40
N ASN D 259 -11.52 24.61 2.20
CA ASN D 259 -12.22 25.64 1.45
C ASN D 259 -13.68 25.23 1.14
N GLU D 260 -13.89 23.98 0.82
CA GLU D 260 -15.21 23.44 0.58
C GLU D 260 -16.02 23.39 1.86
N LYS D 261 -15.35 23.01 2.93
CA LYS D 261 -15.94 22.92 4.24
C LYS D 261 -16.40 24.27 4.70
N ILE D 262 -15.68 25.31 4.35
CA ILE D 262 -16.05 26.62 4.75
C ILE D 262 -17.40 26.98 4.17
N ILE D 263 -17.62 26.66 2.92
CA ILE D 263 -18.87 26.92 2.30
C ILE D 263 -19.98 26.12 2.93
N ALA D 264 -19.74 24.87 3.17
CA ALA D 264 -20.72 24.03 3.76
C ALA D 264 -21.14 24.45 5.15
N GLU D 265 -20.16 24.77 5.98
CA GLU D 265 -20.45 25.21 7.32
C GLU D 265 -21.23 26.49 7.34
N ILE D 266 -20.85 27.44 6.51
CA ILE D 266 -21.52 28.69 6.45
C ILE D 266 -22.96 28.56 5.99
N CYS D 267 -23.18 27.75 4.98
CA CYS D 267 -24.50 27.52 4.48
C CYS D 267 -25.34 26.87 5.55
N LYS D 268 -24.75 25.94 6.28
CA LYS D 268 -25.42 25.24 7.34
C LYS D 268 -25.85 26.18 8.44
N SER D 269 -25.02 27.16 8.78
CA SER D 269 -25.36 28.13 9.79
C SER D 269 -26.54 28.96 9.38
N VAL D 270 -26.56 29.39 8.14
CA VAL D 270 -27.68 30.14 7.62
C VAL D 270 -28.91 29.27 7.63
N TRP D 271 -28.76 28.04 7.22
CA TRP D 271 -29.86 27.13 7.18
C TRP D 271 -30.48 26.91 8.54
N ASP D 272 -29.67 26.67 9.56
CA ASP D 272 -30.20 26.43 10.86
C ASP D 272 -30.94 27.64 11.36
N TYR D 273 -30.40 28.81 11.17
CA TYR D 273 -31.08 29.98 11.60
C TYR D 273 -32.42 30.16 10.90
N LEU D 274 -32.45 30.00 9.58
CA LEU D 274 -33.66 30.17 8.79
C LEU D 274 -34.75 29.13 9.08
N VAL D 275 -34.36 27.93 9.39
CA VAL D 275 -35.31 26.91 9.75
C VAL D 275 -36.01 27.28 11.08
N LYS D 276 -35.28 28.02 11.91
CA LYS D 276 -35.57 28.63 13.21
C LYS D 276 -35.19 27.88 14.46
S SO4 E . -18.14 -35.02 30.24
O1 SO4 E . -18.41 -35.14 31.67
O2 SO4 E . -19.20 -35.70 29.50
O3 SO4 E . -16.84 -35.61 29.93
O4 SO4 E . -18.16 -33.59 29.89
S SO4 F . -13.63 -39.40 36.11
O1 SO4 F . -13.08 -40.11 34.97
O2 SO4 F . -14.34 -40.38 36.95
O3 SO4 F . -12.58 -38.78 36.89
O4 SO4 F . -14.54 -38.37 35.63
S SO4 G . -26.84 -48.50 23.34
O1 SO4 G . -27.50 -49.43 22.42
O2 SO4 G . -26.61 -49.15 24.63
O3 SO4 G . -27.69 -47.31 23.50
O4 SO4 G . -25.55 -48.09 22.79
S SO4 H . -10.26 -56.76 8.29
O1 SO4 H . -10.04 -57.40 6.99
O2 SO4 H . -11.32 -57.49 9.00
O3 SO4 H . -9.02 -56.80 9.08
O4 SO4 H . -10.66 -55.38 8.01
S SO4 I . -3.98 -58.38 30.54
O1 SO4 I . -3.99 -59.53 29.60
O2 SO4 I . -5.35 -57.93 30.84
O3 SO4 I . -3.32 -58.77 31.79
O4 SO4 I . -3.21 -57.30 29.92
S SO4 J . -27.85 -42.84 27.92
O1 SO4 J . -28.13 -44.13 27.34
O2 SO4 J . -28.61 -42.71 29.14
O3 SO4 J . -26.43 -42.72 28.24
O4 SO4 J . -28.28 -41.86 26.99
S SO4 K . -40.11 -24.08 24.19
O1 SO4 K . -40.71 -24.44 22.94
O2 SO4 K . -41.14 -23.72 25.11
O3 SO4 K . -39.45 -25.21 24.77
O4 SO4 K . -39.24 -22.95 23.97
CL CL L . -16.97 -35.33 7.33
C ACT M . -8.39 -12.88 23.63
O ACT M . -8.27 -12.88 22.39
OXT ACT M . -7.95 -13.80 24.36
CH3 ACT M . -9.14 -11.72 24.23
C ACT N . 1.75 -32.19 41.37
O ACT N . 1.67 -33.06 42.23
OXT ACT N . 2.44 -31.25 41.68
CH3 ACT N . 0.96 -32.15 40.07
C ACT O . -18.12 -41.27 -0.01
O ACT O . -19.34 -41.34 0.02
OXT ACT O . -17.40 -42.25 0.01
CH3 ACT O . -17.49 -39.94 0.10
C ACT P . -20.41 -27.00 42.64
O ACT P . -20.91 -28.09 42.37
OXT ACT P . -21.14 -26.33 43.33
CH3 ACT P . -19.21 -26.44 41.89
C ACT Q . -22.90 -52.72 17.43
O ACT Q . -23.95 -53.05 17.98
OXT ACT Q . -22.14 -53.57 16.92
CH3 ACT Q . -22.53 -51.28 17.44
C ACT R . -24.69 -35.10 32.24
O ACT R . -24.70 -36.27 31.83
OXT ACT R . -25.70 -34.78 32.91
CH3 ACT R . -23.77 -34.10 31.57
C ACT S . -16.32 -22.52 3.52
O ACT S . -16.74 -23.70 3.50
OXT ACT S . -15.15 -22.35 3.92
CH3 ACT S . -17.32 -21.37 3.36
C ACT T . -19.08 -50.29 6.62
O ACT T . -19.14 -51.53 6.52
OXT ACT T . -18.70 -49.82 7.72
CH3 ACT T . -18.96 -49.49 5.33
C ACT U . -11.81 -10.78 21.77
O ACT U . -12.79 -10.62 22.52
OXT ACT U . -10.71 -10.70 22.32
CH3 ACT U . -11.88 -10.64 20.26
C ACT V . -0.03 -41.55 23.12
O ACT V . -1.04 -42.12 22.86
OXT ACT V . 0.01 -40.66 24.00
CH3 ACT V . 1.21 -42.17 22.58
C ACT W . -27.45 -20.99 44.35
O ACT W . -28.26 -20.42 45.06
OXT ACT W . -26.30 -20.58 44.54
CH3 ACT W . -27.77 -22.37 43.84
C ACT X . 2.47 -26.02 23.42
O ACT X . 1.99 -24.95 23.82
OXT ACT X . 3.51 -26.37 24.02
CH3 ACT X . 1.65 -27.10 22.73
S SO4 Y . 33.13 -9.60 -7.52
O1 SO4 Y . 32.16 -8.86 -8.34
O2 SO4 Y . 32.43 -10.39 -6.51
O3 SO4 Y . 34.01 -8.64 -6.84
O4 SO4 Y . 33.91 -10.50 -8.36
S SO4 Z . 14.26 6.08 -20.58
O1 SO4 Z . 15.19 4.94 -20.67
O2 SO4 Z . 12.87 5.61 -20.57
O3 SO4 Z . 14.54 6.82 -19.34
O4 SO4 Z . 14.45 6.95 -21.73
S SO4 AA . 17.72 -8.06 13.41
O1 SO4 AA . 18.52 -9.25 13.71
O2 SO4 AA . 16.52 -8.44 12.67
O3 SO4 AA . 18.50 -7.12 12.61
O4 SO4 AA . 17.34 -7.40 14.66
S SO4 BA . 28.08 -11.07 10.11
O1 SO4 BA . 27.79 -12.17 9.18
O2 SO4 BA . 27.02 -10.99 11.11
O3 SO4 BA . 29.36 -11.32 10.80
O4 SO4 BA . 28.13 -9.82 9.38
S SO4 CA . 24.89 -24.99 -18.28
O1 SO4 CA . 25.40 -26.16 -19.01
O2 SO4 CA . 23.43 -24.99 -18.29
O3 SO4 CA . 25.38 -25.06 -16.91
O4 SO4 CA . 25.37 -23.76 -18.89
S SO4 DA . 20.42 -18.08 -15.98
O1 SO4 DA . 20.44 -19.38 -15.29
O2 SO4 DA . 19.04 -17.68 -16.19
O3 SO4 DA . 21.13 -17.07 -15.20
O4 SO4 DA . 21.05 -18.20 -17.29
S SO4 EA . 29.41 -9.65 -13.82
O1 SO4 EA . 29.26 -9.19 -15.21
O2 SO4 EA . 28.62 -10.87 -13.65
O3 SO4 EA . 30.81 -9.94 -13.52
O4 SO4 EA . 28.90 -8.61 -12.91
CL CL FA . 13.90 -11.11 4.87
C ACT GA . 31.00 -35.97 -1.39
O ACT GA . 29.77 -36.21 -1.42
OXT ACT GA . 31.78 -36.94 -1.20
CH3 ACT GA . 31.45 -34.52 -1.51
C ACT HA . -5.85 -17.42 -14.91
O ACT HA . -5.76 -18.59 -14.53
OXT ACT HA . -6.44 -16.69 -14.13
CH3 ACT HA . -5.65 -16.96 -16.34
C ACT IA . 14.08 -12.27 -36.03
O ACT IA . 13.26 -13.02 -36.54
OXT ACT IA . 14.13 -12.15 -34.84
CH3 ACT IA . 15.34 -11.95 -36.72
C ACT JA . 36.74 -20.13 9.46
O ACT JA . 36.64 -21.32 9.04
OXT ACT JA . 36.58 -19.95 10.68
CH3 ACT JA . 36.80 -18.91 8.55
C ACT KA . 22.31 -13.11 -19.56
O ACT KA . 21.17 -13.43 -19.17
OXT ACT KA . 23.20 -13.00 -18.72
CH3 ACT KA . 22.61 -12.66 -21.00
C ACT LA . 35.13 -12.51 1.43
O ACT LA . 34.77 -12.41 2.60
OXT ACT LA . 36.27 -13.06 1.23
CH3 ACT LA . 34.24 -11.93 0.33
S SO4 MA . 24.93 20.27 -11.12
O1 SO4 MA . 24.04 19.13 -11.41
O2 SO4 MA . 25.52 20.74 -12.34
O3 SO4 MA . 26.01 19.85 -10.22
O4 SO4 MA . 24.17 21.38 -10.51
S SO4 NA . 23.45 27.67 -15.30
O1 SO4 NA . 23.21 27.69 -16.74
O2 SO4 NA . 22.17 27.77 -14.60
O3 SO4 NA . 24.14 26.46 -14.90
O4 SO4 NA . 24.29 28.81 -14.94
S SO4 OA . 30.64 42.70 -8.19
O1 SO4 OA . 30.29 42.89 -9.61
O2 SO4 OA . 30.15 41.38 -7.74
O3 SO4 OA . 32.09 42.78 -7.96
O4 SO4 OA . 29.98 43.75 -7.41
S SO4 PA . 10.78 11.59 -16.60
O1 SO4 PA . 10.71 12.49 -17.75
O2 SO4 PA . 9.68 10.63 -16.65
O3 SO4 PA . 10.67 12.36 -15.37
O4 SO4 PA . 12.06 10.88 -16.61
S SO4 QA . 33.53 -3.46 -12.29
O1 SO4 QA . 34.28 -4.16 -13.35
O2 SO4 QA . 32.34 -4.25 -11.94
O3 SO4 QA . 34.37 -3.30 -11.11
O4 SO4 QA . 33.13 -2.15 -12.80
S SO4 RA . 4.71 6.84 8.37
O1 SO4 RA . 4.63 5.95 7.21
O2 SO4 RA . 4.34 6.09 9.57
O3 SO4 RA . 6.09 7.29 8.53
O4 SO4 RA . 3.83 7.99 8.17
S SO4 SA . 0.60 10.77 -1.24
O1 SO4 SA . 1.33 9.68 -1.90
O2 SO4 SA . -0.74 10.92 -1.85
O3 SO4 SA . 0.45 10.46 0.19
O4 SO4 SA . 1.35 12.02 -1.39
S SO4 TA . 3.43 36.40 -15.51
O1 SO4 TA . 3.99 35.23 -16.09
O2 SO4 TA . 2.01 36.40 -15.57
O3 SO4 TA . 3.79 36.61 -14.16
O4 SO4 TA . 3.92 37.56 -16.17
S SO4 UA . 17.86 12.07 -17.45
O1 SO4 UA . 17.52 10.71 -17.68
O2 SO4 UA . 16.90 13.01 -17.96
O3 SO4 UA . 17.91 12.22 -16.01
O4 SO4 UA . 19.11 12.45 -18.07
S SO4 VA . 38.37 22.42 -17.75
O1 SO4 VA . 38.52 20.97 -17.56
O2 SO4 VA . 37.11 22.50 -18.45
O3 SO4 VA . 38.30 23.24 -16.55
O4 SO4 VA . 39.44 22.90 -18.56
CL CL WA . 23.95 9.07 -10.61
CL CL XA . 32.23 23.55 -2.12
CL CL YA . 13.46 10.60 6.30
CL CL ZA . 13.59 33.35 -0.52
C ACT AB . 0.01 31.57 -22.45
O ACT AB . -0.30 31.09 -23.53
OXT ACT AB . -0.39 31.04 -21.44
CH3 ACT AB . 0.41 32.99 -22.41
C ACT BB . -5.03 19.97 -7.58
O ACT BB . -5.91 19.42 -6.92
OXT ACT BB . -4.16 19.21 -8.04
CH3 ACT BB . -4.91 21.49 -7.51
C ACT CB . 41.32 18.21 9.59
O ACT CB . 40.45 17.52 10.10
OXT ACT CB . 41.66 19.17 10.28
CH3 ACT CB . 42.12 17.70 8.40
C ACT DB . 27.34 16.11 -14.51
O ACT DB . 26.81 16.23 -13.42
OXT ACT DB . 28.57 16.41 -14.57
CH3 ACT DB . 26.46 15.80 -15.73
C ACT EB . 39.42 8.81 -16.58
O ACT EB . 38.67 9.47 -15.83
OXT ACT EB . 40.65 8.96 -16.44
CH3 ACT EB . 38.90 7.83 -17.64
C ACT FB . 43.37 9.72 -14.59
O ACT FB . 43.60 8.49 -14.46
OXT ACT FB . 43.97 10.52 -13.82
CH3 ACT FB . 42.40 10.28 -15.64
C ACT GB . 26.10 0.90 -13.00
O ACT GB . 25.60 0.21 -12.08
OXT ACT GB . 27.18 1.46 -12.72
CH3 ACT GB . 25.61 0.65 -14.43
S SO4 HB . -15.96 23.99 -11.17
O1 SO4 HB . -15.91 24.97 -12.26
O2 SO4 HB . -16.97 22.96 -11.47
O3 SO4 HB . -16.27 24.64 -9.91
O4 SO4 HB . -14.66 23.36 -11.03
S SO4 IB . -8.97 23.26 -16.29
O1 SO4 IB . -8.62 21.91 -16.74
O2 SO4 IB . -9.71 23.94 -17.35
O3 SO4 IB . -7.76 24.02 -16.00
O4 SO4 IB . -9.82 23.19 -15.10
S SO4 JB . -26.91 14.44 -20.67
O1 SO4 JB . -25.79 13.97 -21.49
O2 SO4 JB . -28.17 13.93 -21.21
O3 SO4 JB . -26.76 13.96 -19.28
O4 SO4 JB . -26.91 15.90 -20.67
S SO4 KB . -30.40 13.62 6.75
O1 SO4 KB . -29.91 12.49 7.56
O2 SO4 KB . -31.84 13.45 6.51
O3 SO4 KB . -29.69 13.61 5.47
O4 SO4 KB . -30.17 14.88 7.45
S SO4 LB . -43.67 34.37 -20.93
O1 SO4 LB . -43.65 32.92 -21.08
O2 SO4 LB . -45.06 34.80 -20.84
O3 SO4 LB . -43.00 34.76 -19.70
O4 SO4 LB . -43.03 35.00 -22.10
S SO4 MB . -23.06 14.43 -14.74
O1 SO4 MB . -23.81 13.70 -15.73
O2 SO4 MB . -23.22 13.79 -13.47
O3 SO4 MB . -23.59 15.77 -14.62
O4 SO4 MB . -21.67 14.55 -15.10
CL CL NB . -14.89 38.73 -25.69
CL CL OB . -35.89 34.79 -14.86
C ACT PB . -31.04 18.78 -28.32
O ACT PB . -30.65 18.24 -29.39
OXT ACT PB . -30.63 18.48 -27.17
CH3 ACT PB . -32.12 19.82 -28.41
C ACT QB . -31.20 25.00 -37.16
O ACT QB . -32.31 25.47 -37.46
OXT ACT QB . -31.19 24.06 -36.35
CH3 ACT QB . -29.95 25.59 -37.83
C ACT RB . -22.16 48.68 -13.01
O ACT RB . -23.38 48.73 -12.89
OXT ACT RB . -21.68 48.50 -14.11
CH3 ACT RB . -21.24 48.96 -11.85
C ACT SB . 4.63 33.07 1.87
O ACT SB . 4.73 32.48 2.98
OXT ACT SB . 5.43 33.99 1.58
CH3 ACT SB . 3.51 32.64 0.92
C ACT TB . -17.03 18.74 -8.11
O ACT TB . -17.29 18.67 -9.29
OXT ACT TB . -17.12 19.82 -7.53
CH3 ACT TB . -16.42 17.57 -7.43
C ACT UB . -19.11 43.10 7.00
O ACT UB . -18.83 42.09 7.65
OXT ACT UB . -18.17 43.89 6.91
CH3 ACT UB . -20.18 43.12 5.93
C ACT VB . -5.32 20.73 -1.34
O ACT VB . -5.74 20.23 -2.38
OXT ACT VB . -4.89 19.91 -0.54
CH3 ACT VB . -5.00 22.21 -1.29
C ACT WB . -6.45 16.68 7.04
O ACT WB . -6.36 15.98 8.02
OXT ACT WB . -5.65 17.63 7.05
CH3 ACT WB . -7.15 16.16 5.81
C ACT XB . -29.50 14.63 -1.98
O ACT XB . -30.68 14.31 -2.19
OXT ACT XB . -29.02 14.40 -0.86
CH3 ACT XB . -28.54 15.08 -3.10
C ACT YB . -34.02 39.23 12.05
O ACT YB . -34.27 40.26 11.36
OXT ACT YB . -33.35 39.42 13.07
CH3 ACT YB . -34.13 37.81 11.47
C ACT ZB . -38.21 42.21 -4.30
O ACT ZB . -39.21 42.37 -3.57
OXT ACT ZB . -37.27 42.99 -4.14
CH3 ACT ZB . -38.22 41.29 -5.52
C ACT AC . -14.14 17.29 -39.74
O ACT AC . -13.20 16.51 -39.89
OXT ACT AC . -13.80 18.48 -39.70
CH3 ACT AC . -15.61 16.96 -39.97
#